data_5LMG
#
_entry.id   5LMG
#
_cell.length_a   97.686
_cell.length_b   123.029
_cell.length_c   126.562
_cell.angle_alpha   90.000
_cell.angle_beta   90.000
_cell.angle_gamma   90.000
#
_symmetry.space_group_name_H-M   'I 2 2 2'
#
loop_
_entity.id
_entity.type
_entity.pdbx_description
1 polymer 'DNA topoisomerase 2-associated protein PAT1'
2 polymer 'mRNA decapping protein 2'
3 non-polymer 1,2-ETHANEDIOL
4 non-polymer 'MAGNESIUM ION'
5 non-polymer 2-AMINO-2-HYDROXYMETHYL-PROPANE-1,3-DIOL
6 water water
#
loop_
_entity_poly.entity_id
_entity_poly.type
_entity_poly.pdbx_seq_one_letter_code
_entity_poly.pdbx_strand_id
1 'polypeptide(L)'
;MHHHHHHSSGSSSTGSSAAAVASKQRRRSSYAFNNGNGATNLNKSGGKKFILELIETVYEEILDLEANLRNGQQTDSTAM
WEALHIDDSSYDVNPFISMLSFDKGIKIMPRIFNFLDKQQKLKILQKIFNELSHLQIIILSSYKTTPKPTLTQLKKVDLF
QMIILKIIVSFLSNNSNFIEIMGLLLQLIRNNNVSFLTTSKIGLNLITILISRAALIKQDSSRSNILSSPEISTWNEIYD
KLFTSLESKIQLIFPPREYNDHIMRLQNDKFMDEAYIWAFLASLAASGKLNHQRIIIDEVRDEIFATINEAETLQKKEKE
LSVLPQRSQELDTELKSIIYNKEKLYQDLNLFLNVMGLVYRDGEISELK
;
A,B
2 'polypeptide(L)' TSGSNELLSILHRK C,D
#
# COMPACT_ATOMS: atom_id res chain seq x y z
N ASN A 41 16.91 13.38 16.01
CA ASN A 41 18.29 13.53 15.54
C ASN A 41 18.99 12.19 15.33
N LEU A 42 19.82 12.10 14.28
CA LEU A 42 20.61 10.92 13.92
C LEU A 42 21.73 10.65 14.92
N ASN A 43 22.25 11.71 15.56
CA ASN A 43 23.32 11.65 16.55
C ASN A 43 22.85 11.02 17.88
N LYS A 44 21.52 11.08 18.14
CA LYS A 44 20.85 10.49 19.31
C LYS A 44 20.75 8.95 19.19
N SER A 45 21.30 8.38 18.10
CA SER A 45 21.31 6.95 17.81
C SER A 45 22.70 6.40 17.42
N GLY A 46 23.69 7.29 17.29
CA GLY A 46 25.06 6.93 16.96
C GLY A 46 25.68 7.63 15.76
N GLY A 47 24.89 8.43 15.05
CA GLY A 47 25.35 9.16 13.87
C GLY A 47 24.99 8.53 12.54
N LYS A 48 25.07 9.33 11.46
CA LYS A 48 24.74 8.94 10.08
C LYS A 48 25.58 7.78 9.55
N LYS A 49 26.91 7.82 9.73
CA LYS A 49 27.82 6.78 9.26
C LYS A 49 27.62 5.44 9.96
N PHE A 50 27.23 5.48 11.25
CA PHE A 50 26.96 4.28 12.05
C PHE A 50 25.66 3.59 11.60
N ILE A 51 24.58 4.37 11.37
CA ILE A 51 23.27 3.88 10.93
C ILE A 51 23.38 3.31 9.49
N LEU A 52 24.08 4.03 8.58
CA LEU A 52 24.30 3.58 7.20
C LEU A 52 25.09 2.27 7.16
N GLU A 53 26.02 2.09 8.13
CA GLU A 53 26.81 0.87 8.29
C GLU A 53 25.90 -0.27 8.76
N LEU A 54 24.98 0.02 9.72
CA LEU A 54 24.03 -0.96 10.24
C LEU A 54 23.11 -1.49 9.13
N ILE A 55 22.63 -0.59 8.25
CA ILE A 55 21.76 -0.92 7.11
C ILE A 55 22.50 -1.89 6.17
N GLU A 56 23.79 -1.60 5.84
CA GLU A 56 24.64 -2.44 4.98
C GLU A 56 24.80 -3.85 5.55
N THR A 57 25.02 -3.94 6.88
CA THR A 57 25.11 -5.19 7.64
C THR A 57 23.77 -5.97 7.52
N VAL A 58 22.63 -5.28 7.73
CA VAL A 58 21.29 -5.86 7.61
C VAL A 58 21.08 -6.48 6.22
N TYR A 59 21.44 -5.74 5.15
CA TYR A 59 21.36 -6.21 3.75
C TYR A 59 22.21 -7.47 3.53
N GLU A 60 23.45 -7.47 4.07
CA GLU A 60 24.37 -8.63 3.95
C GLU A 60 23.74 -9.88 4.58
N GLU A 61 23.16 -9.73 5.78
CA GLU A 61 22.52 -10.82 6.51
C GLU A 61 21.26 -11.35 5.80
N ILE A 62 20.47 -10.43 5.18
CA ILE A 62 19.26 -10.82 4.43
C ILE A 62 19.67 -11.58 3.17
N LEU A 63 20.66 -11.05 2.42
CA LEU A 63 21.18 -11.68 1.21
C LEU A 63 21.67 -13.10 1.48
N ASP A 64 22.32 -13.34 2.64
CA ASP A 64 22.79 -14.67 3.07
C ASP A 64 21.61 -15.59 3.35
N LEU A 65 20.59 -15.09 4.11
CA LEU A 65 19.40 -15.87 4.45
C LEU A 65 18.62 -16.25 3.19
N GLU A 66 18.47 -15.29 2.26
CA GLU A 66 17.76 -15.47 1.00
C GLU A 66 18.46 -16.47 0.10
N ALA A 67 19.82 -16.41 0.04
CA ALA A 67 20.63 -17.34 -0.77
C ALA A 67 20.55 -18.77 -0.22
N ASN A 68 20.67 -18.95 1.11
CA ASN A 68 20.57 -20.25 1.78
C ASN A 68 19.21 -20.89 1.53
N LEU A 69 18.13 -20.13 1.73
CA LEU A 69 16.74 -20.56 1.51
C LEU A 69 16.51 -21.01 0.06
N ARG A 70 16.99 -20.20 -0.90
CA ARG A 70 16.90 -20.43 -2.35
C ARG A 70 17.61 -21.74 -2.74
N ASN A 71 18.80 -21.98 -2.14
CA ASN A 71 19.60 -23.19 -2.40
C ASN A 71 19.07 -24.41 -1.61
N GLY A 72 17.95 -24.22 -0.89
CA GLY A 72 17.29 -25.24 -0.10
C GLY A 72 18.12 -25.76 1.06
N GLN A 73 18.84 -24.84 1.71
CA GLN A 73 19.74 -25.12 2.84
C GLN A 73 19.18 -24.53 4.13
N GLN A 74 19.69 -25.00 5.27
CA GLN A 74 19.29 -24.56 6.61
C GLN A 74 19.53 -23.06 6.79
N THR A 75 18.62 -22.38 7.50
CA THR A 75 18.72 -20.94 7.77
C THR A 75 18.73 -20.65 9.25
N ASP A 76 19.56 -19.67 9.65
CA ASP A 76 19.68 -19.19 11.03
C ASP A 76 19.63 -17.67 10.99
N SER A 77 18.51 -17.10 11.46
CA SER A 77 18.24 -15.66 11.46
C SER A 77 18.75 -14.88 12.70
N THR A 78 19.55 -15.54 13.58
CA THR A 78 20.10 -14.92 14.80
C THR A 78 20.96 -13.68 14.50
N ALA A 79 21.93 -13.81 13.57
CA ALA A 79 22.83 -12.73 13.17
C ALA A 79 22.06 -11.54 12.59
N MET A 80 21.00 -11.79 11.77
CA MET A 80 20.17 -10.74 11.19
C MET A 80 19.38 -10.01 12.28
N TRP A 81 18.72 -10.77 13.20
CA TRP A 81 17.95 -10.22 14.32
C TRP A 81 18.85 -9.32 15.19
N GLU A 82 20.06 -9.81 15.51
CA GLU A 82 21.04 -9.06 16.32
C GLU A 82 21.52 -7.77 15.62
N ALA A 83 21.66 -7.80 14.28
CA ALA A 83 22.07 -6.64 13.46
C ALA A 83 21.01 -5.51 13.41
N LEU A 84 19.78 -5.77 13.91
CA LEU A 84 18.68 -4.80 13.94
C LEU A 84 18.67 -3.88 15.18
N HIS A 85 19.32 -4.31 16.29
CA HIS A 85 19.46 -3.56 17.56
C HIS A 85 18.13 -3.14 18.20
N ILE A 86 17.11 -4.02 18.18
CA ILE A 86 15.79 -3.72 18.76
C ILE A 86 15.85 -3.69 20.31
N ASP A 87 16.55 -4.67 20.93
CA ASP A 87 16.69 -4.76 22.39
C ASP A 87 17.82 -3.84 22.95
N ASP A 88 18.43 -3.03 22.06
CA ASP A 88 19.49 -2.08 22.39
C ASP A 88 18.89 -0.78 22.98
N SER A 89 19.13 -0.55 24.29
CA SER A 89 18.66 0.63 25.01
C SER A 89 19.81 1.63 25.28
N SER A 90 20.95 1.39 24.62
CA SER A 90 22.20 2.17 24.73
C SER A 90 22.10 3.63 24.25
N TYR A 91 21.15 3.93 23.34
CA TYR A 91 20.98 5.25 22.75
C TYR A 91 19.63 5.90 23.08
N ASP A 92 19.58 7.25 23.02
CA ASP A 92 18.37 8.06 23.26
C ASP A 92 17.26 7.70 22.27
N VAL A 93 17.63 7.42 21.00
CA VAL A 93 16.74 6.98 19.92
C VAL A 93 17.32 5.63 19.44
N ASN A 94 16.51 4.56 19.55
CA ASN A 94 16.90 3.19 19.17
C ASN A 94 17.47 3.10 17.74
N PRO A 95 18.61 2.39 17.51
CA PRO A 95 19.19 2.31 16.14
C PRO A 95 18.24 1.82 15.05
N PHE A 96 17.26 0.94 15.40
CA PHE A 96 16.26 0.45 14.44
C PHE A 96 15.36 1.59 13.95
N ILE A 97 14.93 2.48 14.89
CA ILE A 97 14.09 3.64 14.60
C ILE A 97 14.82 4.59 13.63
N SER A 98 16.12 4.82 13.85
CA SER A 98 16.93 5.66 12.96
C SER A 98 17.14 5.06 11.58
N MET A 99 17.24 3.70 11.48
CA MET A 99 17.38 2.97 10.21
C MET A 99 16.18 3.21 9.30
N LEU A 100 15.01 3.46 9.91
CA LEU A 100 13.73 3.74 9.27
C LEU A 100 13.67 5.17 8.67
N SER A 101 14.68 6.02 8.95
CA SER A 101 14.83 7.37 8.37
C SER A 101 15.33 7.28 6.94
N PHE A 102 15.92 6.12 6.55
CA PHE A 102 16.49 5.90 5.21
C PHE A 102 15.62 4.97 4.38
N ASP A 103 15.47 5.27 3.07
CA ASP A 103 14.69 4.45 2.12
C ASP A 103 15.16 3.01 2.10
N LYS A 104 16.49 2.80 2.14
CA LYS A 104 17.13 1.49 2.17
C LYS A 104 16.65 0.66 3.40
N GLY A 105 16.57 1.29 4.57
CA GLY A 105 16.05 0.68 5.79
C GLY A 105 14.60 0.25 5.63
N ILE A 106 13.76 1.15 5.08
CA ILE A 106 12.34 0.90 4.80
C ILE A 106 12.13 -0.26 3.80
N LYS A 107 12.86 -0.22 2.67
CA LYS A 107 12.70 -1.20 1.58
C LYS A 107 13.05 -2.66 1.95
N ILE A 108 13.94 -2.89 2.93
CA ILE A 108 14.33 -4.26 3.35
C ILE A 108 13.32 -4.88 4.36
N MET A 109 12.42 -4.06 4.96
CA MET A 109 11.46 -4.49 5.99
C MET A 109 10.58 -5.70 5.60
N PRO A 110 9.95 -5.82 4.40
CA PRO A 110 9.17 -7.04 4.10
C PRO A 110 10.03 -8.32 4.08
N ARG A 111 11.27 -8.21 3.59
CA ARG A 111 12.24 -9.31 3.51
C ARG A 111 12.72 -9.73 4.89
N ILE A 112 12.90 -8.75 5.81
CA ILE A 112 13.24 -8.99 7.22
C ILE A 112 12.14 -9.87 7.87
N PHE A 113 10.85 -9.50 7.63
CA PHE A 113 9.68 -10.17 8.17
C PHE A 113 9.53 -11.61 7.69
N ASN A 114 10.09 -11.96 6.52
CA ASN A 114 10.09 -13.33 6.02
C ASN A 114 10.90 -14.28 6.92
N PHE A 115 11.91 -13.77 7.65
CA PHE A 115 12.81 -14.60 8.47
C PHE A 115 12.62 -14.45 10.00
N LEU A 116 11.56 -13.77 10.44
CA LEU A 116 11.29 -13.59 11.87
C LEU A 116 10.11 -14.39 12.35
N ASP A 117 10.05 -14.67 13.67
CA ASP A 117 8.92 -15.34 14.29
C ASP A 117 7.96 -14.29 14.86
N LYS A 118 6.82 -14.72 15.44
CA LYS A 118 5.77 -13.85 15.97
C LYS A 118 6.27 -12.84 17.03
N GLN A 119 6.97 -13.32 18.07
CA GLN A 119 7.47 -12.45 19.16
C GLN A 119 8.50 -11.42 18.68
N GLN A 120 9.33 -11.77 17.68
CA GLN A 120 10.31 -10.86 17.09
C GLN A 120 9.59 -9.72 16.34
N LYS A 121 8.58 -10.09 15.51
CA LYS A 121 7.74 -9.18 14.76
C LYS A 121 6.95 -8.25 15.72
N LEU A 122 6.44 -8.81 16.84
CA LEU A 122 5.70 -8.06 17.86
C LEU A 122 6.63 -7.05 18.55
N LYS A 123 7.90 -7.45 18.81
CA LYS A 123 8.92 -6.56 19.41
C LYS A 123 9.23 -5.35 18.51
N ILE A 124 9.22 -5.55 17.19
CA ILE A 124 9.43 -4.48 16.19
C ILE A 124 8.27 -3.47 16.27
N LEU A 125 7.01 -3.97 16.25
CA LEU A 125 5.79 -3.15 16.35
C LEU A 125 5.78 -2.37 17.67
N GLN A 126 6.13 -3.04 18.81
CA GLN A 126 6.22 -2.44 20.14
C GLN A 126 7.23 -1.28 20.12
N LYS A 127 8.42 -1.48 19.50
CA LYS A 127 9.46 -0.46 19.37
C LYS A 127 8.94 0.75 18.59
N ILE A 128 8.33 0.52 17.40
CA ILE A 128 7.77 1.55 16.53
C ILE A 128 6.74 2.42 17.29
N PHE A 129 5.76 1.79 17.97
CA PHE A 129 4.73 2.51 18.73
C PHE A 129 5.29 3.23 19.97
N ASN A 130 6.30 2.65 20.64
CA ASN A 130 6.94 3.22 21.83
C ASN A 130 7.73 4.50 21.50
N GLU A 131 8.38 4.54 20.32
CA GLU A 131 9.21 5.66 19.89
C GLU A 131 8.62 6.38 18.64
N LEU A 132 7.28 6.30 18.45
CA LEU A 132 6.59 6.86 17.29
C LEU A 132 6.85 8.37 17.08
N SER A 133 6.97 9.15 18.17
CA SER A 133 7.23 10.59 18.08
C SER A 133 8.68 10.90 17.64
N HIS A 134 9.60 9.92 17.81
CA HIS A 134 11.02 10.02 17.42
C HIS A 134 11.26 9.51 15.99
N LEU A 135 10.20 8.99 15.35
CA LEU A 135 10.27 8.45 13.99
C LEU A 135 10.26 9.64 13.03
N GLN A 136 11.35 9.77 12.25
CA GLN A 136 11.54 10.87 11.30
C GLN A 136 10.38 11.05 10.33
N ILE A 137 9.76 9.94 9.88
CA ILE A 137 8.62 9.95 8.96
C ILE A 137 7.37 10.62 9.56
N ILE A 138 7.23 10.58 10.90
CA ILE A 138 6.14 11.24 11.62
C ILE A 138 6.38 12.74 11.60
N ILE A 139 7.63 13.17 11.90
CA ILE A 139 8.03 14.58 11.88
C ILE A 139 7.85 15.17 10.47
N LEU A 140 8.22 14.41 9.41
CA LEU A 140 8.08 14.82 8.02
C LEU A 140 6.64 14.91 7.53
N SER A 141 5.77 14.02 8.00
CA SER A 141 4.36 13.96 7.59
C SER A 141 3.42 14.81 8.47
N SER A 142 3.96 15.47 9.52
CA SER A 142 3.12 16.34 10.37
C SER A 142 3.15 17.76 9.78
N TYR A 143 1.97 18.35 9.56
CA TYR A 143 1.86 19.74 9.10
C TYR A 143 2.40 20.73 10.14
N LYS A 144 2.46 20.32 11.42
CA LYS A 144 2.95 21.15 12.51
C LYS A 144 4.47 21.24 12.48
N THR A 145 5.17 20.10 12.39
CA THR A 145 6.64 20.07 12.38
C THR A 145 7.26 20.29 10.99
N THR A 146 6.52 19.94 9.91
CA THR A 146 6.96 20.10 8.51
C THR A 146 5.81 20.78 7.70
N PRO A 147 5.63 22.12 7.83
CA PRO A 147 4.52 22.77 7.12
C PRO A 147 4.73 22.88 5.62
N LYS A 148 6.00 22.84 5.16
CA LYS A 148 6.35 22.94 3.74
C LYS A 148 7.22 21.73 3.29
N PRO A 149 6.68 20.48 3.29
CA PRO A 149 7.50 19.34 2.87
C PRO A 149 7.89 19.41 1.40
N THR A 150 9.13 19.06 1.09
CA THR A 150 9.60 19.08 -0.31
C THR A 150 9.06 17.83 -1.01
N LEU A 151 9.12 17.77 -2.35
CA LEU A 151 8.66 16.58 -3.09
C LEU A 151 9.42 15.30 -2.64
N THR A 152 10.73 15.41 -2.39
CA THR A 152 11.59 14.31 -1.92
C THR A 152 11.06 13.76 -0.58
N GLN A 153 10.64 14.67 0.32
CA GLN A 153 10.10 14.33 1.63
C GLN A 153 8.73 13.63 1.48
N LEU A 154 7.88 14.13 0.55
CA LEU A 154 6.57 13.52 0.28
C LEU A 154 6.71 12.09 -0.28
N LYS A 155 7.73 11.86 -1.15
CA LYS A 155 8.05 10.54 -1.72
C LYS A 155 8.42 9.56 -0.60
N LYS A 156 9.21 10.02 0.41
CA LYS A 156 9.61 9.20 1.55
C LYS A 156 8.38 8.76 2.39
N VAL A 157 7.41 9.69 2.57
CA VAL A 157 6.17 9.47 3.31
C VAL A 157 5.33 8.40 2.59
N ASP A 158 5.16 8.54 1.25
CA ASP A 158 4.41 7.58 0.42
C ASP A 158 5.06 6.17 0.46
N LEU A 159 6.42 6.10 0.47
CA LEU A 159 7.17 4.84 0.57
C LEU A 159 6.89 4.14 1.91
N PHE A 160 7.07 4.87 3.04
CA PHE A 160 6.82 4.37 4.38
C PHE A 160 5.38 3.86 4.50
N GLN A 161 4.41 4.63 3.95
CA GLN A 161 2.99 4.30 3.93
C GLN A 161 2.73 2.96 3.20
N MET A 162 3.26 2.81 1.98
CA MET A 162 3.09 1.64 1.12
C MET A 162 3.71 0.35 1.71
N ILE A 163 4.95 0.43 2.23
CA ILE A 163 5.67 -0.74 2.73
C ILE A 163 5.35 -1.05 4.19
N ILE A 164 5.65 -0.14 5.13
CA ILE A 164 5.50 -0.34 6.58
C ILE A 164 4.05 -0.61 7.01
N LEU A 165 3.09 0.20 6.57
CA LEU A 165 1.70 0.02 7.02
C LEU A 165 1.07 -1.28 6.51
N LYS A 166 1.41 -1.73 5.28
CA LYS A 166 0.97 -3.00 4.70
C LYS A 166 1.45 -4.20 5.57
N ILE A 167 2.69 -4.12 6.08
CA ILE A 167 3.31 -5.12 6.96
C ILE A 167 2.56 -5.17 8.32
N ILE A 168 2.29 -4.00 8.93
CA ILE A 168 1.61 -3.89 10.21
C ILE A 168 0.21 -4.50 10.10
N VAL A 169 -0.57 -4.09 9.07
CA VAL A 169 -1.92 -4.55 8.74
C VAL A 169 -1.95 -6.08 8.62
N SER A 170 -1.11 -6.68 7.75
CA SER A 170 -1.01 -8.12 7.52
C SER A 170 -0.69 -8.92 8.80
N PHE A 171 0.32 -8.46 9.58
CA PHE A 171 0.70 -9.09 10.82
C PHE A 171 -0.42 -9.07 11.89
N LEU A 172 -1.09 -7.91 12.08
CA LEU A 172 -2.17 -7.78 13.09
C LEU A 172 -3.43 -8.56 12.71
N SER A 173 -3.70 -8.67 11.40
CA SER A 173 -4.85 -9.37 10.83
C SER A 173 -4.73 -10.88 11.02
N ASN A 174 -3.49 -11.40 11.10
CA ASN A 174 -3.17 -12.81 11.20
C ASN A 174 -2.59 -13.31 12.53
N ASN A 175 -1.53 -12.65 13.06
CA ASN A 175 -0.78 -13.09 14.25
C ASN A 175 -0.93 -12.23 15.52
N SER A 176 -2.13 -11.72 15.83
CA SER A 176 -2.28 -10.95 17.06
C SER A 176 -3.60 -11.22 17.79
N ASN A 177 -3.49 -11.41 19.12
CA ASN A 177 -4.61 -11.65 20.04
C ASN A 177 -4.98 -10.34 20.76
N PHE A 178 -6.07 -10.37 21.57
CA PHE A 178 -6.59 -9.23 22.33
C PHE A 178 -5.51 -8.53 23.18
N ILE A 179 -4.84 -9.29 24.07
CA ILE A 179 -3.78 -8.79 24.96
C ILE A 179 -2.71 -7.99 24.20
N GLU A 180 -2.23 -8.55 23.07
CA GLU A 180 -1.18 -7.96 22.24
C GLU A 180 -1.59 -6.64 21.57
N ILE A 181 -2.81 -6.56 20.96
CA ILE A 181 -3.35 -5.34 20.34
C ILE A 181 -3.55 -4.26 21.41
N MET A 182 -4.12 -4.64 22.58
CA MET A 182 -4.34 -3.73 23.71
C MET A 182 -2.99 -3.18 24.16
N GLY A 183 -1.98 -4.05 24.21
CA GLY A 183 -0.61 -3.69 24.54
C GLY A 183 -0.04 -2.60 23.63
N LEU A 184 -0.26 -2.72 22.29
CA LEU A 184 0.22 -1.75 21.31
C LEU A 184 -0.47 -0.39 21.43
N LEU A 185 -1.78 -0.40 21.73
CA LEU A 185 -2.57 0.82 21.92
C LEU A 185 -2.07 1.60 23.15
N LEU A 186 -1.80 0.89 24.25
CA LEU A 186 -1.27 1.45 25.49
C LEU A 186 0.13 2.01 25.25
N GLN A 187 0.96 1.31 24.45
CA GLN A 187 2.31 1.77 24.08
C GLN A 187 2.22 3.14 23.38
N LEU A 188 1.24 3.30 22.46
CA LEU A 188 1.00 4.53 21.72
C LEU A 188 0.57 5.69 22.63
N ILE A 189 -0.49 5.48 23.43
CA ILE A 189 -1.10 6.48 24.31
C ILE A 189 -0.16 6.96 25.45
N ARG A 190 0.61 6.02 26.05
CA ARG A 190 1.49 6.33 27.17
C ARG A 190 2.84 6.98 26.82
N ASN A 191 3.37 6.71 25.64
CA ASN A 191 4.69 7.20 25.24
C ASN A 191 4.69 8.36 24.24
N ASN A 192 3.51 8.83 23.85
CA ASN A 192 3.38 9.89 22.85
C ASN A 192 2.29 10.87 23.17
N ASN A 193 2.44 12.11 22.65
CA ASN A 193 1.40 13.12 22.65
C ASN A 193 0.55 12.65 21.46
N VAL A 194 -0.61 12.03 21.75
CA VAL A 194 -1.54 11.45 20.77
C VAL A 194 -2.03 12.51 19.78
N SER A 195 -2.39 13.72 20.27
CA SER A 195 -2.85 14.81 19.40
C SER A 195 -1.78 15.19 18.34
N PHE A 196 -0.47 15.22 18.74
CA PHE A 196 0.61 15.46 17.77
C PHE A 196 0.61 14.36 16.68
N LEU A 197 0.46 13.07 17.08
CA LEU A 197 0.43 11.93 16.14
C LEU A 197 -0.68 12.05 15.08
N THR A 198 -1.82 12.65 15.47
CA THR A 198 -2.97 12.86 14.57
C THR A 198 -2.76 14.01 13.56
N THR A 199 -1.71 14.85 13.72
CA THR A 199 -1.37 15.92 12.76
C THR A 199 -0.53 15.33 11.60
N SER A 200 -0.16 14.04 11.72
CA SER A 200 0.63 13.30 10.75
C SER A 200 -0.24 12.26 10.03
N LYS A 201 -0.12 12.19 8.70
CA LYS A 201 -0.83 11.21 7.87
C LYS A 201 -0.51 9.76 8.31
N ILE A 202 0.79 9.46 8.55
CA ILE A 202 1.28 8.15 9.01
C ILE A 202 0.75 7.84 10.42
N GLY A 203 0.87 8.82 11.32
CA GLY A 203 0.38 8.72 12.70
C GLY A 203 -1.09 8.39 12.75
N LEU A 204 -1.90 9.15 11.99
CA LEU A 204 -3.35 8.96 11.90
C LEU A 204 -3.72 7.57 11.36
N ASN A 205 -3.07 7.15 10.25
CA ASN A 205 -3.30 5.84 9.64
C ASN A 205 -2.91 4.69 10.57
N LEU A 206 -1.81 4.85 11.34
CA LEU A 206 -1.40 3.83 12.31
C LEU A 206 -2.43 3.67 13.43
N ILE A 207 -3.02 4.80 13.89
CA ILE A 207 -4.06 4.77 14.94
C ILE A 207 -5.30 4.06 14.38
N THR A 208 -5.74 4.41 13.14
CA THR A 208 -6.90 3.80 12.47
C THR A 208 -6.76 2.28 12.39
N ILE A 209 -5.56 1.78 12.00
CA ILE A 209 -5.24 0.35 11.93
C ILE A 209 -5.46 -0.32 13.31
N LEU A 210 -4.89 0.23 14.40
CA LEU A 210 -5.04 -0.30 15.76
C LEU A 210 -6.50 -0.30 16.21
N ILE A 211 -7.25 0.81 16.02
CA ILE A 211 -8.67 0.94 16.40
C ILE A 211 -9.52 -0.09 15.65
N SER A 212 -9.36 -0.15 14.29
CA SER A 212 -10.08 -1.08 13.42
C SER A 212 -9.84 -2.55 13.79
N ARG A 213 -8.58 -2.91 14.12
CA ARG A 213 -8.22 -4.26 14.54
C ARG A 213 -8.82 -4.62 15.90
N ALA A 214 -8.72 -3.70 16.89
CA ALA A 214 -9.31 -3.84 18.24
C ALA A 214 -10.82 -4.09 18.15
N ALA A 215 -11.52 -3.33 17.27
CA ALA A 215 -12.97 -3.42 17.03
C ALA A 215 -13.41 -4.77 16.45
N LEU A 216 -12.53 -5.45 15.67
CA LEU A 216 -12.83 -6.75 15.06
C LEU A 216 -12.70 -7.91 16.04
N ILE A 217 -11.85 -7.75 17.09
CA ILE A 217 -11.66 -8.75 18.15
C ILE A 217 -12.91 -8.73 19.03
N LYS A 218 -13.85 -9.66 18.77
CA LYS A 218 -15.12 -9.78 19.52
C LYS A 218 -15.50 -11.25 19.70
N ILE A 232 -18.97 -4.09 29.51
CA ILE A 232 -17.65 -3.72 30.04
C ILE A 232 -16.56 -4.65 29.53
N SER A 233 -15.55 -4.06 28.88
CA SER A 233 -14.40 -4.76 28.34
C SER A 233 -13.17 -3.89 28.55
N THR A 234 -11.96 -4.50 28.48
CA THR A 234 -10.70 -3.78 28.57
C THR A 234 -10.64 -2.78 27.37
N TRP A 235 -11.19 -3.20 26.18
CA TRP A 235 -11.23 -2.36 24.98
C TRP A 235 -12.03 -1.07 25.23
N ASN A 236 -13.20 -1.17 25.92
CA ASN A 236 -14.02 0.00 26.27
C ASN A 236 -13.20 1.00 27.13
N GLU A 237 -12.42 0.47 28.10
CA GLU A 237 -11.54 1.24 28.97
C GLU A 237 -10.39 1.91 28.18
N ILE A 238 -9.72 1.15 27.28
CA ILE A 238 -8.58 1.64 26.52
C ILE A 238 -9.04 2.66 25.45
N TYR A 239 -10.20 2.42 24.79
CA TYR A 239 -10.79 3.36 23.82
C TYR A 239 -11.00 4.72 24.53
N ASP A 240 -11.59 4.69 25.76
CA ASP A 240 -11.85 5.89 26.54
C ASP A 240 -10.58 6.65 26.90
N LYS A 241 -9.46 5.94 27.20
CA LYS A 241 -8.16 6.57 27.48
C LYS A 241 -7.65 7.31 26.22
N LEU A 242 -7.78 6.67 25.04
CA LEU A 242 -7.44 7.25 23.74
C LEU A 242 -8.33 8.46 23.47
N PHE A 243 -9.65 8.33 23.73
CA PHE A 243 -10.62 9.40 23.51
C PHE A 243 -10.27 10.65 24.34
N THR A 244 -9.84 10.46 25.60
CA THR A 244 -9.40 11.51 26.53
C THR A 244 -8.24 12.32 25.95
N SER A 245 -7.23 11.66 25.35
CA SER A 245 -6.07 12.33 24.76
C SER A 245 -6.41 13.18 23.51
N LEU A 246 -7.56 12.91 22.84
CA LEU A 246 -8.02 13.59 21.63
C LEU A 246 -9.10 14.63 21.84
N GLU A 247 -9.89 14.51 22.93
CA GLU A 247 -11.00 15.41 23.23
C GLU A 247 -10.58 16.87 23.20
N SER A 248 -11.40 17.72 22.54
CA SER A 248 -11.19 19.17 22.29
C SER A 248 -10.11 19.46 21.20
N LYS A 249 -9.44 18.41 20.66
CA LYS A 249 -8.37 18.52 19.65
C LYS A 249 -8.67 17.73 18.35
N ILE A 250 -9.89 17.12 18.21
CA ILE A 250 -10.32 16.31 17.07
C ILE A 250 -10.21 17.08 15.72
N GLN A 251 -10.56 18.38 15.69
CA GLN A 251 -10.49 19.23 14.49
C GLN A 251 -9.04 19.35 13.93
N LEU A 252 -8.01 19.20 14.81
CA LEU A 252 -6.59 19.32 14.43
C LEU A 252 -6.10 18.20 13.46
N ILE A 253 -6.93 17.18 13.24
CA ILE A 253 -6.62 16.10 12.30
C ILE A 253 -6.75 16.62 10.83
N PHE A 254 -7.50 17.73 10.62
CA PHE A 254 -7.69 18.37 9.30
C PHE A 254 -6.58 19.42 9.13
N PRO A 255 -5.60 19.23 8.20
CA PRO A 255 -4.50 20.20 8.07
C PRO A 255 -4.93 21.58 7.56
N PRO A 256 -4.14 22.66 7.84
CA PRO A 256 -4.51 23.98 7.31
C PRO A 256 -4.49 24.02 5.79
N ARG A 257 -5.22 24.95 5.23
CA ARG A 257 -5.37 25.14 3.80
C ARG A 257 -4.05 25.45 3.08
N GLU A 258 -3.16 26.22 3.74
CA GLU A 258 -1.85 26.58 3.20
C GLU A 258 -1.00 25.32 3.00
N TYR A 259 -1.16 24.33 3.92
CA TYR A 259 -0.49 23.04 3.83
C TYR A 259 -1.06 22.25 2.65
N ASN A 260 -2.41 22.14 2.56
CA ASN A 260 -3.08 21.43 1.46
C ASN A 260 -2.63 21.95 0.09
N ASP A 261 -2.63 23.29 -0.09
CA ASP A 261 -2.21 23.98 -1.31
C ASP A 261 -0.82 23.56 -1.75
N HIS A 262 0.13 23.57 -0.80
CA HIS A 262 1.52 23.22 -0.99
C HIS A 262 1.66 21.78 -1.53
N ILE A 263 0.95 20.81 -0.91
CA ILE A 263 0.93 19.39 -1.30
C ILE A 263 0.29 19.23 -2.69
N MET A 264 -0.88 19.87 -2.90
CA MET A 264 -1.64 19.83 -4.16
C MET A 264 -0.79 20.30 -5.34
N ARG A 265 -0.03 21.38 -5.16
CA ARG A 265 0.90 21.97 -6.12
C ARG A 265 2.01 20.97 -6.49
N LEU A 266 2.63 20.33 -5.47
CA LEU A 266 3.72 19.36 -5.68
C LEU A 266 3.30 18.03 -6.29
N GLN A 267 2.07 17.58 -6.00
CA GLN A 267 1.56 16.29 -6.47
C GLN A 267 0.62 16.36 -7.67
N ASN A 268 0.31 17.58 -8.14
CA ASN A 268 -0.66 17.85 -9.22
C ASN A 268 -2.07 17.34 -8.86
N ASP A 269 -2.47 17.49 -7.58
CA ASP A 269 -3.79 17.13 -7.10
C ASP A 269 -4.72 18.32 -7.27
N LYS A 270 -5.91 18.08 -7.84
CA LYS A 270 -6.93 19.12 -8.06
C LYS A 270 -7.73 19.35 -6.77
N PHE A 271 -7.85 18.28 -5.96
CA PHE A 271 -8.49 18.27 -4.64
C PHE A 271 -7.59 17.50 -3.68
N MET A 272 -7.49 17.95 -2.43
CA MET A 272 -6.67 17.27 -1.43
C MET A 272 -7.40 15.99 -1.01
N ASP A 273 -6.71 14.83 -1.07
CA ASP A 273 -7.32 13.56 -0.68
C ASP A 273 -7.39 13.49 0.86
N GLU A 274 -8.61 13.58 1.41
CA GLU A 274 -8.82 13.52 2.86
C GLU A 274 -9.61 12.29 3.30
N ALA A 275 -9.66 11.24 2.41
CA ALA A 275 -10.32 9.96 2.67
C ALA A 275 -9.82 9.29 3.95
N TYR A 276 -8.49 9.32 4.20
CA TYR A 276 -7.86 8.77 5.39
C TYR A 276 -8.34 9.47 6.69
N ILE A 277 -8.75 10.76 6.61
CA ILE A 277 -9.25 11.50 7.77
C ILE A 277 -10.64 10.98 8.15
N TRP A 278 -11.53 10.86 7.12
CA TRP A 278 -12.89 10.35 7.33
C TRP A 278 -12.88 8.87 7.72
N ALA A 279 -11.85 8.09 7.26
CA ALA A 279 -11.69 6.68 7.63
C ALA A 279 -11.32 6.57 9.11
N PHE A 280 -10.44 7.46 9.59
CA PHE A 280 -10.09 7.54 11.00
C PHE A 280 -11.33 7.89 11.85
N LEU A 281 -12.10 8.93 11.44
CA LEU A 281 -13.30 9.38 12.15
C LEU A 281 -14.37 8.31 12.21
N ALA A 282 -14.49 7.48 11.13
CA ALA A 282 -15.44 6.38 11.03
C ALA A 282 -15.05 5.29 12.04
N SER A 283 -13.74 4.96 12.14
CA SER A 283 -13.30 3.94 13.10
C SER A 283 -13.41 4.42 14.55
N LEU A 284 -13.14 5.73 14.80
CA LEU A 284 -13.27 6.33 16.14
C LEU A 284 -14.73 6.32 16.59
N ALA A 285 -15.66 6.72 15.70
CA ALA A 285 -17.11 6.74 15.96
C ALA A 285 -17.71 5.34 16.20
N ALA A 286 -17.30 4.34 15.38
CA ALA A 286 -17.76 2.95 15.40
C ALA A 286 -17.49 2.23 16.72
N SER A 287 -16.36 2.53 17.39
CA SER A 287 -15.99 1.95 18.68
C SER A 287 -16.44 2.79 19.89
N GLY A 288 -17.10 3.93 19.63
CA GLY A 288 -17.57 4.82 20.68
C GLY A 288 -19.03 4.64 21.07
N LYS A 289 -19.38 5.02 22.30
CA LYS A 289 -20.76 5.02 22.79
C LYS A 289 -21.43 6.29 22.20
N LEU A 290 -22.74 6.51 22.46
CA LEU A 290 -23.46 7.70 21.98
C LEU A 290 -22.79 9.02 22.41
N ASN A 291 -22.35 9.14 23.68
CA ASN A 291 -21.72 10.34 24.22
C ASN A 291 -20.38 10.67 23.52
N HIS A 292 -19.60 9.63 23.11
CA HIS A 292 -18.36 9.81 22.34
C HIS A 292 -18.72 10.37 20.96
N GLN A 293 -19.77 9.79 20.32
CA GLN A 293 -20.24 10.17 18.99
C GLN A 293 -20.73 11.63 18.93
N ARG A 294 -21.42 12.08 19.99
CA ARG A 294 -21.95 13.45 20.17
C ARG A 294 -20.79 14.45 20.12
N ILE A 295 -19.70 14.15 20.86
CA ILE A 295 -18.49 14.97 20.92
C ILE A 295 -17.80 15.00 19.55
N ILE A 296 -17.61 13.80 18.90
CA ILE A 296 -16.96 13.70 17.58
C ILE A 296 -17.67 14.58 16.53
N ILE A 297 -19.02 14.41 16.36
CA ILE A 297 -19.90 15.17 15.46
C ILE A 297 -19.76 16.67 15.73
N ASP A 298 -19.82 17.05 17.04
CA ASP A 298 -19.72 18.46 17.41
C ASP A 298 -18.36 19.06 16.97
N GLU A 299 -17.27 18.33 17.23
CA GLU A 299 -15.91 18.80 16.95
C GLU A 299 -15.60 18.92 15.46
N VAL A 300 -16.25 18.11 14.60
CA VAL A 300 -16.00 18.11 13.16
C VAL A 300 -17.17 18.66 12.34
N ARG A 301 -18.23 19.19 13.01
CA ARG A 301 -19.41 19.75 12.35
C ARG A 301 -19.07 20.72 11.22
N ASP A 302 -18.12 21.66 11.47
CA ASP A 302 -17.71 22.63 10.44
C ASP A 302 -16.99 21.94 9.25
N GLU A 303 -16.31 20.82 9.51
CA GLU A 303 -15.64 20.04 8.47
C GLU A 303 -16.65 19.25 7.63
N ILE A 304 -17.77 18.79 8.27
CA ILE A 304 -18.87 18.10 7.60
C ILE A 304 -19.53 19.09 6.61
N PHE A 305 -19.84 20.33 7.08
CA PHE A 305 -20.45 21.37 6.25
C PHE A 305 -19.53 21.86 5.11
N ALA A 306 -18.21 22.01 5.36
CA ALA A 306 -17.23 22.40 4.34
C ALA A 306 -17.20 21.37 3.20
N THR A 307 -17.24 20.04 3.53
CA THR A 307 -17.25 18.94 2.57
C THR A 307 -18.53 18.96 1.72
N ILE A 308 -19.70 19.18 2.37
CA ILE A 308 -21.01 19.29 1.72
C ILE A 308 -21.00 20.46 0.72
N ASN A 309 -20.41 21.61 1.12
CA ASN A 309 -20.32 22.79 0.25
C ASN A 309 -19.48 22.50 -0.98
N GLU A 310 -18.35 21.78 -0.81
CA GLU A 310 -17.47 21.40 -1.91
C GLU A 310 -18.18 20.46 -2.89
N ALA A 311 -18.95 19.49 -2.35
CA ALA A 311 -19.72 18.53 -3.13
C ALA A 311 -20.83 19.24 -3.91
N GLU A 312 -21.54 20.21 -3.26
CA GLU A 312 -22.60 21.02 -3.88
C GLU A 312 -22.06 21.96 -4.97
N THR A 313 -20.83 22.51 -4.79
CA THR A 313 -20.16 23.34 -5.82
C THR A 313 -19.87 22.47 -7.06
N LEU A 314 -19.38 21.22 -6.84
CA LEU A 314 -19.11 20.27 -7.93
C LEU A 314 -20.40 19.86 -8.66
N GLN A 315 -21.51 19.66 -7.92
CA GLN A 315 -22.81 19.30 -8.50
C GLN A 315 -23.33 20.42 -9.41
N LYS A 316 -23.20 21.70 -8.98
CA LYS A 316 -23.58 22.88 -9.76
C LYS A 316 -22.76 22.92 -11.07
N LYS A 317 -21.43 22.71 -10.98
CA LYS A 317 -20.49 22.72 -12.13
C LYS A 317 -20.87 21.65 -13.15
N GLU A 318 -21.23 20.45 -12.64
CA GLU A 318 -21.67 19.32 -13.43
C GLU A 318 -22.91 19.69 -14.23
N LYS A 319 -23.95 20.26 -13.56
CA LYS A 319 -25.21 20.70 -14.16
C LYS A 319 -25.00 21.73 -15.27
N GLU A 320 -24.18 22.75 -14.98
CA GLU A 320 -23.87 23.86 -15.90
C GLU A 320 -23.12 23.41 -17.17
N LEU A 321 -22.19 22.45 -17.02
CA LEU A 321 -21.39 21.95 -18.14
C LEU A 321 -22.09 20.88 -18.96
N SER A 322 -22.87 19.99 -18.31
CA SER A 322 -23.59 18.90 -18.99
C SER A 322 -24.70 19.41 -19.93
N VAL A 323 -25.29 20.60 -19.65
CA VAL A 323 -26.38 21.17 -20.47
C VAL A 323 -25.86 21.84 -21.76
N LEU A 324 -24.53 22.08 -21.88
CA LEU A 324 -23.92 22.69 -23.06
C LEU A 324 -24.15 21.85 -24.33
N PRO A 325 -24.66 22.45 -25.44
CA PRO A 325 -24.94 21.66 -26.65
C PRO A 325 -23.71 20.98 -27.26
N GLN A 326 -22.65 21.77 -27.57
CA GLN A 326 -21.40 21.25 -28.13
C GLN A 326 -20.54 20.67 -27.00
N ARG A 327 -20.13 19.38 -27.14
CA ARG A 327 -19.32 18.69 -26.15
C ARG A 327 -18.13 17.95 -26.77
N SER A 328 -16.94 18.58 -26.73
CA SER A 328 -15.69 18.01 -27.23
C SER A 328 -15.20 16.91 -26.27
N GLN A 329 -14.13 16.17 -26.66
CA GLN A 329 -13.54 15.12 -25.84
C GLN A 329 -12.98 15.73 -24.53
N GLU A 330 -12.44 16.96 -24.60
CA GLU A 330 -11.90 17.66 -23.43
C GLU A 330 -13.00 18.01 -22.42
N LEU A 331 -14.19 18.47 -22.88
CA LEU A 331 -15.33 18.78 -22.01
C LEU A 331 -15.88 17.50 -21.35
N ASP A 332 -15.86 16.37 -22.08
CA ASP A 332 -16.26 15.04 -21.56
C ASP A 332 -15.28 14.58 -20.47
N THR A 333 -13.98 14.88 -20.65
CA THR A 333 -12.93 14.59 -19.67
C THR A 333 -13.18 15.44 -18.42
N GLU A 334 -13.53 16.75 -18.62
CA GLU A 334 -13.86 17.70 -17.54
C GLU A 334 -15.04 17.19 -16.70
N LEU A 335 -16.14 16.78 -17.38
CA LEU A 335 -17.34 16.27 -16.72
C LEU A 335 -17.09 14.99 -15.92
N LYS A 336 -16.31 14.05 -16.48
CA LYS A 336 -15.95 12.78 -15.83
C LYS A 336 -15.13 13.04 -14.57
N SER A 337 -14.23 14.04 -14.62
CA SER A 337 -13.40 14.49 -13.51
C SER A 337 -14.25 15.11 -12.38
N ILE A 338 -15.28 15.90 -12.75
CA ILE A 338 -16.18 16.58 -11.80
C ILE A 338 -17.04 15.53 -11.06
N ILE A 339 -17.69 14.62 -11.82
CA ILE A 339 -18.54 13.53 -11.29
C ILE A 339 -17.73 12.63 -10.34
N TYR A 340 -16.47 12.27 -10.73
CA TYR A 340 -15.57 11.43 -9.93
C TYR A 340 -15.27 12.07 -8.57
N ASN A 341 -14.89 13.36 -8.58
CA ASN A 341 -14.58 14.11 -7.36
C ASN A 341 -15.81 14.37 -6.50
N LYS A 342 -16.98 14.56 -7.12
CA LYS A 342 -18.24 14.76 -6.40
C LYS A 342 -18.62 13.48 -5.64
N GLU A 343 -18.62 12.32 -6.33
CA GLU A 343 -18.96 11.02 -5.76
C GLU A 343 -17.97 10.59 -4.68
N LYS A 344 -16.69 10.97 -4.85
CA LYS A 344 -15.62 10.68 -3.90
C LYS A 344 -15.95 11.33 -2.55
N LEU A 345 -16.29 12.65 -2.55
CA LEU A 345 -16.66 13.42 -1.36
C LEU A 345 -17.89 12.82 -0.66
N TYR A 346 -18.92 12.41 -1.44
CA TYR A 346 -20.14 11.76 -0.93
C TYR A 346 -19.78 10.48 -0.16
N GLN A 347 -18.97 9.59 -0.80
CA GLN A 347 -18.54 8.30 -0.28
C GLN A 347 -17.66 8.42 0.96
N ASP A 348 -16.67 9.34 0.97
CA ASP A 348 -15.76 9.55 2.11
C ASP A 348 -16.53 10.02 3.35
N LEU A 349 -17.44 10.98 3.16
CA LEU A 349 -18.28 11.49 4.23
C LEU A 349 -19.28 10.42 4.72
N ASN A 350 -19.93 9.67 3.80
CA ASN A 350 -20.86 8.60 4.19
C ASN A 350 -20.19 7.43 4.92
N LEU A 351 -18.88 7.20 4.71
CA LEU A 351 -18.13 6.19 5.46
C LEU A 351 -18.23 6.51 6.97
N PHE A 352 -18.07 7.81 7.31
CA PHE A 352 -18.15 8.32 8.69
C PHE A 352 -19.59 8.36 9.18
N LEU A 353 -20.51 8.98 8.42
CA LEU A 353 -21.91 9.19 8.80
C LEU A 353 -22.70 7.89 9.03
N ASN A 354 -22.60 6.91 8.07
CA ASN A 354 -23.30 5.62 8.14
C ASN A 354 -23.05 4.84 9.41
N VAL A 355 -21.81 4.91 9.91
CA VAL A 355 -21.35 4.27 11.15
C VAL A 355 -22.21 4.73 12.36
N MET A 356 -22.69 5.98 12.31
CA MET A 356 -23.56 6.55 13.35
C MET A 356 -25.05 6.50 12.96
N GLY A 357 -25.37 5.76 11.91
CA GLY A 357 -26.75 5.62 11.42
C GLY A 357 -27.29 6.85 10.71
N LEU A 358 -26.39 7.67 10.14
CA LEU A 358 -26.73 8.89 9.41
C LEU A 358 -26.29 8.79 7.96
N VAL A 359 -26.87 9.61 7.07
CA VAL A 359 -26.52 9.58 5.64
C VAL A 359 -26.68 10.96 4.99
N TYR A 360 -25.74 11.32 4.08
CA TYR A 360 -25.81 12.53 3.28
C TYR A 360 -26.38 12.09 1.92
N ARG A 361 -27.62 12.50 1.64
CA ARG A 361 -28.34 12.11 0.43
C ARG A 361 -29.40 13.17 0.12
N ASP A 362 -29.52 13.53 -1.17
CA ASP A 362 -30.47 14.52 -1.72
C ASP A 362 -30.25 15.93 -1.12
N GLY A 363 -28.97 16.29 -0.96
CA GLY A 363 -28.52 17.57 -0.44
C GLY A 363 -28.71 17.82 1.05
N GLU A 364 -28.99 16.74 1.82
CA GLU A 364 -29.22 16.83 3.27
C GLU A 364 -28.69 15.62 4.07
N ILE A 365 -28.40 15.83 5.37
CA ILE A 365 -28.00 14.75 6.28
C ILE A 365 -29.28 14.28 6.98
N SER A 366 -29.58 12.99 6.87
CA SER A 366 -30.79 12.41 7.47
C SER A 366 -30.48 11.07 8.13
N GLU A 367 -31.46 10.48 8.82
CA GLU A 367 -31.34 9.18 9.47
C GLU A 367 -31.41 8.06 8.44
N LEU A 368 -30.48 7.13 8.54
CA LEU A 368 -30.35 5.95 7.68
C LEU A 368 -31.34 4.87 8.23
N LYS A 369 -31.99 4.12 7.32
CA LYS A 369 -32.96 3.05 7.61
C LYS A 369 -34.13 3.50 8.48
N GLY B 46 -24.77 -6.99 -16.45
CA GLY B 46 -26.23 -6.99 -16.46
C GLY B 46 -26.89 -5.62 -16.52
N GLY B 47 -26.08 -4.58 -16.75
CA GLY B 47 -26.55 -3.20 -16.84
C GLY B 47 -26.04 -2.30 -15.73
N LYS B 48 -25.65 -1.06 -16.08
CA LYS B 48 -25.12 -0.02 -15.16
C LYS B 48 -26.05 0.28 -13.99
N LYS B 49 -27.36 0.43 -14.25
CA LYS B 49 -28.37 0.72 -13.24
C LYS B 49 -28.58 -0.44 -12.27
N PHE B 50 -28.47 -1.69 -12.77
CA PHE B 50 -28.63 -2.93 -12.01
C PHE B 50 -27.45 -3.16 -11.04
N ILE B 51 -26.21 -2.99 -11.52
CA ILE B 51 -24.97 -3.17 -10.74
C ILE B 51 -24.89 -2.17 -9.58
N LEU B 52 -25.36 -0.92 -9.79
CA LEU B 52 -25.37 0.12 -8.76
C LEU B 52 -26.28 -0.27 -7.59
N GLU B 53 -27.43 -0.93 -7.89
CA GLU B 53 -28.40 -1.40 -6.90
C GLU B 53 -27.82 -2.55 -6.07
N LEU B 54 -27.04 -3.43 -6.70
CA LEU B 54 -26.36 -4.56 -6.05
C LEU B 54 -25.37 -4.04 -5.01
N ILE B 55 -24.55 -3.03 -5.38
CA ILE B 55 -23.58 -2.35 -4.51
C ILE B 55 -24.32 -1.76 -3.29
N GLU B 56 -25.49 -1.12 -3.53
CA GLU B 56 -26.35 -0.54 -2.48
C GLU B 56 -26.87 -1.62 -1.53
N THR B 57 -27.22 -2.80 -2.07
CA THR B 57 -27.67 -3.96 -1.30
C THR B 57 -26.50 -4.54 -0.47
N VAL B 58 -25.28 -4.61 -1.06
CA VAL B 58 -24.06 -5.08 -0.40
C VAL B 58 -23.72 -4.15 0.80
N TYR B 59 -23.75 -2.81 0.59
CA TYR B 59 -23.50 -1.79 1.63
C TYR B 59 -24.48 -1.92 2.81
N GLU B 60 -25.79 -2.10 2.51
CA GLU B 60 -26.86 -2.32 3.52
C GLU B 60 -26.52 -3.54 4.38
N GLU B 61 -26.09 -4.65 3.73
CA GLU B 61 -25.72 -5.91 4.39
C GLU B 61 -24.49 -5.78 5.30
N ILE B 62 -23.46 -5.06 4.81
CA ILE B 62 -22.21 -4.77 5.54
C ILE B 62 -22.52 -3.95 6.80
N LEU B 63 -23.35 -2.88 6.66
CA LEU B 63 -23.74 -2.03 7.79
C LEU B 63 -24.53 -2.81 8.83
N ASP B 64 -25.36 -3.79 8.38
CA ASP B 64 -26.13 -4.66 9.27
C ASP B 64 -25.18 -5.57 10.06
N LEU B 65 -24.15 -6.14 9.38
CA LEU B 65 -23.12 -7.00 9.99
C LEU B 65 -22.26 -6.25 10.99
N GLU B 66 -21.83 -5.02 10.63
CA GLU B 66 -21.02 -4.13 11.47
C GLU B 66 -21.80 -3.68 12.72
N ALA B 67 -23.12 -3.36 12.56
CA ALA B 67 -24.00 -2.96 13.66
C ALA B 67 -24.18 -4.08 14.68
N ASN B 68 -24.38 -5.34 14.20
CA ASN B 68 -24.54 -6.51 15.06
C ASN B 68 -23.24 -6.84 15.81
N LEU B 69 -22.09 -6.65 15.14
CA LEU B 69 -20.74 -6.89 15.69
C LEU B 69 -20.42 -5.94 16.87
N ARG B 70 -20.72 -4.64 16.71
CA ARG B 70 -20.47 -3.65 17.77
C ARG B 70 -21.47 -3.76 18.93
N ASN B 71 -22.66 -4.34 18.68
CA ASN B 71 -23.72 -4.55 19.67
C ASN B 71 -23.59 -5.90 20.42
N GLY B 72 -22.57 -6.68 20.07
CA GLY B 72 -22.31 -7.99 20.68
C GLY B 72 -23.29 -9.07 20.26
N GLN B 73 -24.05 -8.81 19.19
CA GLN B 73 -25.05 -9.71 18.59
C GLN B 73 -24.35 -10.64 17.59
N GLN B 74 -24.94 -11.81 17.29
CA GLN B 74 -24.36 -12.77 16.35
C GLN B 74 -24.44 -12.25 14.90
N THR B 75 -23.43 -12.58 14.09
CA THR B 75 -23.35 -12.15 12.69
C THR B 75 -23.48 -13.34 11.73
N ASP B 76 -24.44 -13.24 10.79
CA ASP B 76 -24.68 -14.25 9.76
C ASP B 76 -24.46 -13.60 8.40
N SER B 77 -23.33 -13.96 7.75
CA SER B 77 -22.85 -13.42 6.48
C SER B 77 -23.57 -13.97 5.22
N THR B 78 -24.61 -14.81 5.40
CA THR B 78 -25.39 -15.44 4.32
C THR B 78 -26.01 -14.42 3.35
N ALA B 79 -26.75 -13.43 3.87
CA ALA B 79 -27.40 -12.39 3.06
C ALA B 79 -26.39 -11.53 2.28
N MET B 80 -25.22 -11.25 2.89
CA MET B 80 -24.14 -10.48 2.25
C MET B 80 -23.48 -11.30 1.13
N TRP B 81 -23.19 -12.60 1.39
CA TRP B 81 -22.58 -13.52 0.44
C TRP B 81 -23.46 -13.73 -0.80
N GLU B 82 -24.78 -13.87 -0.60
CA GLU B 82 -25.77 -14.02 -1.68
C GLU B 82 -25.86 -12.74 -2.53
N ALA B 83 -25.80 -11.55 -1.86
CA ALA B 83 -25.84 -10.22 -2.48
C ALA B 83 -24.65 -9.94 -3.43
N LEU B 84 -23.55 -10.71 -3.27
CA LEU B 84 -22.36 -10.58 -4.10
C LEU B 84 -22.54 -11.12 -5.52
N HIS B 85 -23.45 -12.12 -5.70
CA HIS B 85 -23.75 -12.81 -6.97
C HIS B 85 -22.48 -13.45 -7.56
N ILE B 86 -21.61 -13.93 -6.66
CA ILE B 86 -20.32 -14.56 -6.97
C ILE B 86 -20.51 -15.95 -7.62
N ASP B 87 -21.57 -16.67 -7.23
CA ASP B 87 -21.92 -17.99 -7.76
C ASP B 87 -22.92 -17.89 -8.94
N ASP B 88 -23.35 -16.66 -9.27
CA ASP B 88 -24.30 -16.36 -10.36
C ASP B 88 -23.63 -16.55 -11.72
N SER B 89 -24.31 -17.28 -12.64
CA SER B 89 -23.83 -17.57 -13.99
C SER B 89 -24.84 -17.14 -15.08
N SER B 90 -25.98 -16.56 -14.66
CA SER B 90 -27.05 -16.07 -15.53
C SER B 90 -26.60 -14.87 -16.36
N ASN B 94 -19.75 -11.83 -14.98
CA ASN B 94 -20.07 -12.03 -13.57
C ASN B 94 -20.43 -10.68 -12.89
N PRO B 95 -21.57 -10.62 -12.14
CA PRO B 95 -21.97 -9.34 -11.53
C PRO B 95 -21.00 -8.76 -10.50
N PHE B 96 -20.28 -9.62 -9.76
CA PHE B 96 -19.27 -9.21 -8.78
C PHE B 96 -18.10 -8.51 -9.47
N ILE B 97 -17.66 -9.05 -10.64
CA ILE B 97 -16.58 -8.50 -11.46
C ILE B 97 -16.96 -7.09 -11.94
N SER B 98 -18.23 -6.88 -12.30
CA SER B 98 -18.76 -5.59 -12.74
C SER B 98 -18.83 -4.57 -11.59
N MET B 99 -19.10 -5.04 -10.35
CA MET B 99 -19.13 -4.19 -9.14
C MET B 99 -17.74 -3.58 -8.88
N LEU B 100 -16.68 -4.36 -9.17
CA LEU B 100 -15.27 -3.95 -9.02
C LEU B 100 -14.83 -2.79 -9.95
N SER B 101 -15.61 -2.51 -11.02
CA SER B 101 -15.31 -1.42 -11.95
C SER B 101 -15.80 -0.04 -11.42
N PHE B 102 -16.53 -0.04 -10.30
CA PHE B 102 -17.03 1.17 -9.64
C PHE B 102 -16.21 1.41 -8.37
N ASP B 103 -15.83 2.68 -8.10
CA ASP B 103 -15.06 3.04 -6.90
C ASP B 103 -15.77 2.59 -5.62
N LYS B 104 -17.12 2.73 -5.57
CA LYS B 104 -17.95 2.30 -4.43
C LYS B 104 -17.87 0.80 -4.21
N GLY B 105 -17.74 0.05 -5.30
CA GLY B 105 -17.59 -1.40 -5.28
C GLY B 105 -16.28 -1.89 -4.69
N ILE B 106 -15.15 -1.28 -5.09
CA ILE B 106 -13.82 -1.69 -4.61
C ILE B 106 -13.57 -1.19 -3.17
N LYS B 107 -14.14 -0.03 -2.79
CA LYS B 107 -14.01 0.55 -1.45
C LYS B 107 -14.54 -0.35 -0.32
N ILE B 108 -15.64 -1.11 -0.54
CA ILE B 108 -16.20 -2.04 0.48
C ILE B 108 -15.44 -3.36 0.60
N MET B 109 -14.58 -3.70 -0.38
CA MET B 109 -13.85 -4.96 -0.42
C MET B 109 -13.18 -5.34 0.92
N PRO B 110 -12.38 -4.47 1.62
CA PRO B 110 -11.82 -4.88 2.94
C PRO B 110 -12.89 -5.20 4.00
N ARG B 111 -14.03 -4.46 3.97
CA ARG B 111 -15.14 -4.67 4.90
C ARG B 111 -15.85 -6.00 4.65
N ILE B 112 -16.02 -6.40 3.37
CA ILE B 112 -16.60 -7.69 2.98
C ILE B 112 -15.72 -8.83 3.56
N PHE B 113 -14.38 -8.71 3.38
CA PHE B 113 -13.39 -9.69 3.82
C PHE B 113 -13.38 -9.90 5.35
N ASN B 114 -13.75 -8.85 6.14
CA ASN B 114 -13.85 -8.93 7.60
C ASN B 114 -14.92 -9.95 8.06
N PHE B 115 -15.95 -10.18 7.22
CA PHE B 115 -17.06 -11.08 7.54
C PHE B 115 -17.08 -12.40 6.75
N LEU B 116 -15.95 -12.75 6.07
CA LEU B 116 -15.86 -14.00 5.30
C LEU B 116 -14.89 -14.99 5.93
N ASP B 117 -15.15 -16.28 5.73
CA ASP B 117 -14.25 -17.34 6.19
C ASP B 117 -13.18 -17.56 5.11
N LYS B 118 -12.12 -18.34 5.40
CA LYS B 118 -11.00 -18.63 4.48
C LYS B 118 -11.47 -19.15 3.11
N GLN B 119 -12.44 -20.09 3.11
CA GLN B 119 -13.03 -20.71 1.91
C GLN B 119 -13.73 -19.68 1.01
N GLN B 120 -14.50 -18.76 1.61
CA GLN B 120 -15.23 -17.69 0.89
C GLN B 120 -14.27 -16.67 0.27
N LYS B 121 -13.17 -16.36 0.99
CA LYS B 121 -12.11 -15.44 0.54
C LYS B 121 -11.41 -16.05 -0.68
N LEU B 122 -11.16 -17.38 -0.66
CA LEU B 122 -10.52 -18.10 -1.76
C LEU B 122 -11.39 -18.11 -3.01
N LYS B 123 -12.73 -18.28 -2.84
CA LYS B 123 -13.71 -18.27 -3.95
C LYS B 123 -13.68 -16.93 -4.69
N ILE B 124 -13.61 -15.81 -3.92
CA ILE B 124 -13.54 -14.44 -4.45
C ILE B 124 -12.24 -14.24 -5.23
N LEU B 125 -11.08 -14.58 -4.59
CA LEU B 125 -9.76 -14.44 -5.21
C LEU B 125 -9.60 -15.26 -6.48
N GLN B 126 -10.16 -16.49 -6.50
CA GLN B 126 -10.15 -17.39 -7.66
C GLN B 126 -10.90 -16.78 -8.83
N LYS B 127 -12.11 -16.21 -8.59
CA LYS B 127 -12.93 -15.57 -9.61
C LYS B 127 -12.27 -14.30 -10.19
N ILE B 128 -11.54 -13.53 -9.34
CA ILE B 128 -10.81 -12.34 -9.78
C ILE B 128 -9.64 -12.75 -10.71
N PHE B 129 -8.77 -13.69 -10.26
CA PHE B 129 -7.65 -14.22 -11.03
C PHE B 129 -8.08 -14.89 -12.36
N ASN B 130 -9.27 -15.53 -12.36
CA ASN B 130 -9.87 -16.23 -13.51
C ASN B 130 -10.30 -15.26 -14.61
N GLU B 131 -10.84 -14.09 -14.22
CA GLU B 131 -11.38 -13.05 -15.11
C GLU B 131 -10.55 -11.76 -15.09
N LEU B 132 -9.26 -11.84 -14.65
CA LEU B 132 -8.39 -10.67 -14.51
C LEU B 132 -8.26 -9.81 -15.77
N SER B 133 -8.16 -10.43 -16.97
CA SER B 133 -8.06 -9.73 -18.26
C SER B 133 -9.31 -8.90 -18.59
N HIS B 134 -10.49 -9.36 -18.12
CA HIS B 134 -11.78 -8.74 -18.36
C HIS B 134 -12.13 -7.62 -17.36
N LEU B 135 -11.31 -7.47 -16.29
CA LEU B 135 -11.47 -6.44 -15.27
C LEU B 135 -11.17 -5.10 -15.93
N GLN B 136 -12.06 -4.10 -15.71
CA GLN B 136 -11.90 -2.76 -16.29
C GLN B 136 -10.65 -2.04 -15.81
N ILE B 137 -10.26 -2.27 -14.53
CA ILE B 137 -9.08 -1.63 -13.94
C ILE B 137 -7.76 -2.12 -14.57
N ILE B 138 -7.73 -3.38 -15.05
CA ILE B 138 -6.57 -3.98 -15.71
C ILE B 138 -6.41 -3.33 -17.09
N ILE B 139 -7.54 -3.16 -17.82
CA ILE B 139 -7.61 -2.52 -19.12
C ILE B 139 -7.13 -1.06 -19.00
N LEU B 140 -7.58 -0.34 -17.93
CA LEU B 140 -7.17 1.03 -17.64
C LEU B 140 -5.70 1.16 -17.25
N SER B 141 -5.16 0.19 -16.51
CA SER B 141 -3.76 0.21 -16.04
C SER B 141 -2.73 -0.31 -17.07
N SER B 142 -3.21 -0.92 -18.17
CA SER B 142 -2.32 -1.43 -19.23
C SER B 142 -1.93 -0.29 -20.15
N TYR B 143 -0.62 -0.13 -20.41
CA TYR B 143 -0.14 0.89 -21.33
C TYR B 143 -0.57 0.55 -22.78
N LYS B 144 -0.87 -0.74 -23.05
CA LYS B 144 -1.26 -1.24 -24.37
C LYS B 144 -2.72 -0.82 -24.72
N THR B 145 -3.68 -1.15 -23.84
CA THR B 145 -5.11 -0.82 -24.04
C THR B 145 -5.45 0.62 -23.66
N THR B 146 -4.72 1.21 -22.71
CA THR B 146 -4.91 2.59 -22.27
C THR B 146 -3.56 3.34 -22.34
N PRO B 147 -3.09 3.71 -23.57
CA PRO B 147 -1.80 4.43 -23.68
C PRO B 147 -1.81 5.85 -23.15
N LYS B 148 -2.99 6.49 -23.07
CA LYS B 148 -3.11 7.86 -22.59
C LYS B 148 -4.15 7.93 -21.44
N PRO B 149 -3.89 7.33 -20.23
CA PRO B 149 -4.91 7.40 -19.17
C PRO B 149 -5.11 8.82 -18.65
N THR B 150 -6.38 9.24 -18.44
CA THR B 150 -6.67 10.56 -17.88
C THR B 150 -6.25 10.55 -16.39
N LEU B 151 -6.19 11.73 -15.75
CA LEU B 151 -5.84 11.84 -14.33
C LEU B 151 -6.87 11.05 -13.46
N THR B 152 -8.18 11.14 -13.80
CA THR B 152 -9.28 10.38 -13.17
C THR B 152 -9.00 8.86 -13.25
N GLN B 153 -8.65 8.35 -14.46
CA GLN B 153 -8.34 6.92 -14.68
C GLN B 153 -7.14 6.46 -13.84
N LEU B 154 -6.10 7.31 -13.71
CA LEU B 154 -4.92 7.02 -12.88
C LEU B 154 -5.29 6.91 -11.40
N LYS B 155 -6.21 7.79 -10.91
CA LYS B 155 -6.66 7.77 -9.52
C LYS B 155 -7.48 6.50 -9.20
N LYS B 156 -8.28 6.02 -10.17
CA LYS B 156 -9.05 4.78 -10.05
C LYS B 156 -8.09 3.59 -9.92
N VAL B 157 -7.02 3.57 -10.75
CA VAL B 157 -5.97 2.54 -10.79
C VAL B 157 -5.22 2.52 -9.45
N ASP B 158 -4.80 3.72 -8.96
CA ASP B 158 -4.11 3.89 -7.66
C ASP B 158 -4.94 3.34 -6.47
N LEU B 159 -6.26 3.65 -6.44
CA LEU B 159 -7.16 3.19 -5.38
C LEU B 159 -7.31 1.66 -5.38
N PHE B 160 -7.63 1.08 -6.56
CA PHE B 160 -7.79 -0.36 -6.75
C PHE B 160 -6.55 -1.09 -6.29
N GLN B 161 -5.35 -0.64 -6.73
CA GLN B 161 -4.06 -1.24 -6.38
C GLN B 161 -3.86 -1.28 -4.87
N MET B 162 -4.02 -0.14 -4.19
CA MET B 162 -3.89 0.02 -2.74
C MET B 162 -4.79 -0.98 -1.99
N ILE B 163 -6.06 -1.11 -2.43
CA ILE B 163 -7.05 -1.98 -1.80
C ILE B 163 -6.82 -3.47 -2.12
N ILE B 164 -6.66 -3.83 -3.42
CA ILE B 164 -6.47 -5.24 -3.82
C ILE B 164 -5.13 -5.82 -3.30
N LEU B 165 -4.02 -5.06 -3.36
CA LEU B 165 -2.73 -5.57 -2.87
C LEU B 165 -2.73 -5.79 -1.37
N LYS B 166 -3.40 -4.91 -0.59
CA LYS B 166 -3.51 -5.03 0.87
C LYS B 166 -4.30 -6.29 1.26
N ILE B 167 -5.39 -6.59 0.52
CA ILE B 167 -6.25 -7.75 0.75
C ILE B 167 -5.48 -9.07 0.47
N ILE B 168 -4.83 -9.15 -0.71
CA ILE B 168 -4.12 -10.34 -1.14
C ILE B 168 -2.86 -10.57 -0.29
N VAL B 169 -2.08 -9.51 0.02
CA VAL B 169 -0.88 -9.62 0.88
C VAL B 169 -1.25 -10.18 2.26
N SER B 170 -2.32 -9.65 2.88
CA SER B 170 -2.82 -10.10 4.18
C SER B 170 -3.25 -11.57 4.11
N PHE B 171 -3.98 -11.97 3.02
CA PHE B 171 -4.44 -13.34 2.78
C PHE B 171 -3.29 -14.35 2.69
N LEU B 172 -2.19 -13.98 2.04
CA LEU B 172 -1.02 -14.84 1.83
C LEU B 172 0.04 -14.77 2.96
N SER B 173 0.02 -13.66 3.74
CA SER B 173 0.95 -13.32 4.84
C SER B 173 1.30 -14.47 5.80
N ASN B 174 0.30 -15.24 6.26
CA ASN B 174 0.48 -16.35 7.19
C ASN B 174 -0.22 -17.62 6.63
N ASN B 175 -0.17 -17.76 5.29
CA ASN B 175 -0.77 -18.88 4.56
C ASN B 175 0.35 -19.82 4.14
N SER B 176 0.39 -21.02 4.72
CA SER B 176 1.41 -22.03 4.42
C SER B 176 0.87 -23.07 3.42
N ASN B 177 -0.43 -22.95 3.02
CA ASN B 177 -1.06 -23.87 2.07
C ASN B 177 -0.53 -23.62 0.65
N PHE B 178 0.54 -24.35 0.33
CA PHE B 178 1.27 -24.33 -0.93
C PHE B 178 0.39 -24.65 -2.15
N ILE B 179 -0.44 -25.70 -2.06
CA ILE B 179 -1.31 -26.17 -3.17
C ILE B 179 -2.32 -25.08 -3.61
N GLU B 180 -3.00 -24.42 -2.66
CA GLU B 180 -3.98 -23.39 -3.02
C GLU B 180 -3.32 -22.10 -3.56
N ILE B 181 -2.13 -21.72 -3.04
CA ILE B 181 -1.38 -20.55 -3.52
C ILE B 181 -0.96 -20.82 -4.97
N MET B 182 -0.43 -22.05 -5.22
CA MET B 182 -0.06 -22.56 -6.56
C MET B 182 -1.30 -22.55 -7.46
N GLY B 183 -2.44 -22.98 -6.90
CA GLY B 183 -3.74 -23.01 -7.57
C GLY B 183 -4.14 -21.65 -8.13
N LEU B 184 -3.99 -20.59 -7.30
CA LEU B 184 -4.27 -19.20 -7.70
C LEU B 184 -3.37 -18.75 -8.87
N LEU B 185 -2.06 -19.06 -8.80
CA LEU B 185 -1.14 -18.70 -9.87
C LEU B 185 -1.45 -19.47 -11.17
N LEU B 186 -1.81 -20.77 -11.05
CA LEU B 186 -2.16 -21.60 -12.20
C LEU B 186 -3.48 -21.13 -12.87
N GLN B 187 -4.49 -20.72 -12.06
CA GLN B 187 -5.77 -20.21 -12.52
C GLN B 187 -5.56 -18.92 -13.32
N LEU B 188 -4.61 -18.07 -12.87
CA LEU B 188 -4.21 -16.85 -13.55
C LEU B 188 -3.59 -17.14 -14.93
N ILE B 189 -2.62 -18.08 -15.01
CA ILE B 189 -1.91 -18.47 -16.24
C ILE B 189 -2.84 -19.12 -17.28
N ARG B 190 -3.66 -20.11 -16.86
CA ARG B 190 -4.56 -20.83 -17.76
C ARG B 190 -5.72 -20.00 -18.33
N ASN B 191 -6.10 -18.91 -17.65
CA ASN B 191 -7.25 -18.10 -18.05
C ASN B 191 -6.92 -16.72 -18.62
N ASN B 192 -5.64 -16.36 -18.74
CA ASN B 192 -5.26 -15.04 -19.23
C ASN B 192 -4.04 -15.07 -20.14
N ASN B 193 -3.91 -14.03 -20.98
CA ASN B 193 -2.72 -13.79 -21.77
C ASN B 193 -1.79 -13.16 -20.73
N VAL B 194 -0.77 -13.93 -20.31
CA VAL B 194 0.17 -13.52 -19.25
C VAL B 194 0.95 -12.25 -19.63
N SER B 195 1.47 -12.18 -20.87
CA SER B 195 2.18 -11.00 -21.36
C SER B 195 1.29 -9.75 -21.33
N PHE B 196 -0.03 -9.89 -21.61
CA PHE B 196 -0.94 -8.75 -21.53
C PHE B 196 -0.96 -8.23 -20.08
N LEU B 197 -1.13 -9.17 -19.11
CA LEU B 197 -1.15 -8.87 -17.68
C LEU B 197 0.11 -8.11 -17.23
N THR B 198 1.28 -8.45 -17.80
CA THR B 198 2.55 -7.80 -17.46
C THR B 198 2.64 -6.33 -17.97
N THR B 199 1.74 -5.89 -18.89
CA THR B 199 1.68 -4.51 -19.41
C THR B 199 0.92 -3.59 -18.44
N SER B 200 0.26 -4.19 -17.42
CA SER B 200 -0.50 -3.54 -16.36
C SER B 200 0.31 -3.52 -15.06
N LYS B 201 0.35 -2.37 -14.40
CA LYS B 201 1.01 -2.22 -13.10
C LYS B 201 0.37 -3.16 -12.05
N ILE B 202 -0.98 -3.29 -12.05
CA ILE B 202 -1.73 -4.14 -11.13
C ILE B 202 -1.44 -5.63 -11.44
N GLY B 203 -1.52 -6.00 -12.71
CA GLY B 203 -1.22 -7.36 -13.18
C GLY B 203 0.17 -7.82 -12.77
N LEU B 204 1.19 -6.98 -13.04
CA LEU B 204 2.59 -7.23 -12.68
C LEU B 204 2.78 -7.41 -11.17
N ASN B 205 2.16 -6.50 -10.37
CA ASN B 205 2.21 -6.54 -8.90
C ASN B 205 1.57 -7.81 -8.36
N LEU B 206 0.46 -8.25 -8.97
CA LEU B 206 -0.25 -9.47 -8.57
C LEU B 206 0.59 -10.71 -8.79
N ILE B 207 1.25 -10.82 -9.98
CA ILE B 207 2.13 -11.93 -10.33
C ILE B 207 3.30 -11.99 -9.35
N THR B 208 3.95 -10.84 -9.06
CA THR B 208 5.08 -10.74 -8.14
C THR B 208 4.73 -11.29 -6.75
N ILE B 209 3.57 -10.89 -6.20
CA ILE B 209 3.09 -11.35 -4.87
C ILE B 209 2.85 -12.87 -4.85
N LEU B 210 2.20 -13.42 -5.89
CA LEU B 210 1.92 -14.84 -6.01
C LEU B 210 3.19 -15.67 -6.15
N ILE B 211 4.13 -15.29 -7.06
CA ILE B 211 5.43 -15.97 -7.26
C ILE B 211 6.22 -15.98 -5.95
N SER B 212 6.44 -14.78 -5.36
CA SER B 212 7.19 -14.59 -4.11
C SER B 212 6.70 -15.47 -2.97
N ARG B 213 5.38 -15.55 -2.76
CA ARG B 213 4.80 -16.36 -1.68
C ARG B 213 4.96 -17.86 -1.91
N ALA B 214 4.64 -18.35 -3.14
CA ALA B 214 4.77 -19.78 -3.46
C ALA B 214 6.24 -20.22 -3.40
N ALA B 215 7.17 -19.35 -3.84
CA ALA B 215 8.61 -19.61 -3.85
C ALA B 215 9.14 -19.77 -2.44
N LEU B 216 8.71 -18.89 -1.52
CA LEU B 216 9.11 -18.91 -0.12
C LEU B 216 8.73 -20.26 0.52
N ILE B 217 7.53 -20.78 0.18
CA ILE B 217 7.03 -22.06 0.69
C ILE B 217 7.79 -23.22 0.04
N LYS B 218 7.97 -23.21 -1.30
CA LYS B 218 8.74 -24.25 -2.00
C LYS B 218 10.15 -24.36 -1.41
N GLN B 219 10.82 -23.21 -1.22
CA GLN B 219 12.17 -23.13 -0.66
C GLN B 219 12.23 -23.60 0.80
N ASP B 220 11.21 -23.24 1.60
CA ASP B 220 11.12 -23.69 2.99
C ASP B 220 11.00 -25.23 3.02
N SER B 221 10.13 -25.80 2.18
CA SER B 221 9.88 -27.25 2.06
C SER B 221 11.11 -28.03 1.58
N SER B 222 11.93 -27.43 0.67
CA SER B 222 13.08 -28.06 0.06
C SER B 222 14.21 -28.45 1.04
N ARG B 223 14.14 -28.01 2.32
CA ARG B 223 15.11 -28.41 3.34
C ARG B 223 14.91 -29.88 3.81
N SER B 224 13.77 -30.51 3.45
CA SER B 224 13.44 -31.91 3.75
C SER B 224 14.39 -32.89 3.03
N ASN B 225 14.90 -32.50 1.84
CA ASN B 225 15.83 -33.27 0.98
C ASN B 225 15.31 -34.67 0.56
N ILE B 226 13.97 -34.84 0.47
CA ILE B 226 13.44 -36.14 0.05
C ILE B 226 13.58 -36.32 -1.46
N LEU B 227 13.81 -37.57 -1.91
CA LEU B 227 13.97 -37.94 -3.32
C LEU B 227 12.94 -37.23 -4.22
N SER B 228 11.64 -37.40 -3.93
CA SER B 228 10.58 -36.74 -4.70
C SER B 228 9.49 -36.10 -3.83
N SER B 229 9.23 -34.80 -4.06
CA SER B 229 8.19 -34.02 -3.38
C SER B 229 7.16 -33.63 -4.46
N PRO B 230 5.94 -34.25 -4.42
CA PRO B 230 4.93 -33.96 -5.48
C PRO B 230 4.55 -32.48 -5.60
N GLU B 231 4.53 -31.76 -4.47
CA GLU B 231 4.20 -30.35 -4.39
C GLU B 231 5.28 -29.47 -5.09
N ILE B 232 6.58 -29.79 -4.87
CA ILE B 232 7.70 -29.06 -5.50
C ILE B 232 7.71 -29.32 -7.02
N SER B 233 7.40 -30.57 -7.44
CA SER B 233 7.31 -30.97 -8.85
C SER B 233 6.22 -30.15 -9.57
N THR B 234 5.07 -29.92 -8.89
CA THR B 234 3.96 -29.11 -9.39
C THR B 234 4.40 -27.64 -9.57
N TRP B 235 5.09 -27.06 -8.56
CA TRP B 235 5.59 -25.69 -8.60
C TRP B 235 6.56 -25.47 -9.76
N ASN B 236 7.44 -26.45 -10.02
CA ASN B 236 8.42 -26.40 -11.10
C ASN B 236 7.73 -26.35 -12.47
N GLU B 237 6.56 -27.00 -12.57
CA GLU B 237 5.78 -27.00 -13.80
C GLU B 237 5.02 -25.67 -13.98
N ILE B 238 4.52 -25.09 -12.87
CA ILE B 238 3.80 -23.81 -12.89
C ILE B 238 4.80 -22.69 -13.24
N TYR B 239 6.04 -22.74 -12.67
CA TYR B 239 7.10 -21.79 -13.02
C TYR B 239 7.46 -21.94 -14.50
N ASP B 240 7.52 -23.19 -15.01
CA ASP B 240 7.81 -23.47 -16.42
C ASP B 240 6.75 -22.84 -17.33
N LYS B 241 5.44 -23.07 -17.03
CA LYS B 241 4.30 -22.51 -17.77
C LYS B 241 4.36 -20.96 -17.81
N LEU B 242 4.73 -20.34 -16.67
CA LEU B 242 4.82 -18.89 -16.55
C LEU B 242 6.00 -18.35 -17.37
N PHE B 243 7.20 -18.95 -17.20
CA PHE B 243 8.41 -18.56 -17.94
C PHE B 243 8.19 -18.66 -19.45
N THR B 244 7.58 -19.79 -19.91
CA THR B 244 7.27 -20.08 -21.32
C THR B 244 6.31 -19.05 -21.88
N SER B 245 5.30 -18.62 -21.09
CA SER B 245 4.32 -17.62 -21.52
C SER B 245 4.95 -16.22 -21.71
N LEU B 246 6.12 -15.97 -21.10
CA LEU B 246 6.81 -14.68 -21.17
C LEU B 246 8.10 -14.65 -22.00
N GLU B 247 8.67 -15.84 -22.32
CA GLU B 247 9.91 -15.96 -23.11
C GLU B 247 9.76 -15.17 -24.43
N SER B 248 10.75 -14.31 -24.71
CA SER B 248 10.88 -13.38 -25.86
C SER B 248 9.97 -12.12 -25.74
N LYS B 249 9.22 -12.00 -24.62
CA LYS B 249 8.30 -10.89 -24.34
C LYS B 249 8.59 -10.21 -23.00
N ILE B 250 9.70 -10.60 -22.32
CA ILE B 250 10.08 -10.09 -21.00
C ILE B 250 10.27 -8.55 -21.01
N GLN B 251 10.86 -7.97 -22.10
CA GLN B 251 11.07 -6.52 -22.20
C GLN B 251 9.74 -5.72 -22.22
N LEU B 252 8.62 -6.36 -22.62
CA LEU B 252 7.30 -5.71 -22.67
C LEU B 252 6.78 -5.25 -21.30
N ILE B 253 7.39 -5.73 -20.19
CA ILE B 253 7.02 -5.30 -18.83
C ILE B 253 7.43 -3.82 -18.63
N PHE B 254 8.36 -3.28 -19.48
CA PHE B 254 8.79 -1.89 -19.42
C PHE B 254 7.91 -1.01 -20.33
N PRO B 255 7.08 -0.10 -19.77
CA PRO B 255 6.24 0.77 -20.63
C PRO B 255 7.06 1.66 -21.57
N PRO B 256 6.56 2.01 -22.78
CA PRO B 256 7.32 2.87 -23.70
C PRO B 256 7.55 4.28 -23.13
N ARG B 257 8.62 4.94 -23.61
CA ARG B 257 9.03 6.29 -23.19
C ARG B 257 7.90 7.34 -23.24
N GLU B 258 7.00 7.28 -24.26
CA GLU B 258 5.88 8.21 -24.43
C GLU B 258 4.82 8.09 -23.33
N TYR B 259 4.53 6.84 -22.90
CA TYR B 259 3.58 6.56 -21.81
C TYR B 259 4.17 7.15 -20.51
N ASN B 260 5.49 6.94 -20.30
CA ASN B 260 6.24 7.46 -19.16
C ASN B 260 6.18 8.99 -19.09
N ASP B 261 6.42 9.69 -20.22
CA ASP B 261 6.35 11.15 -20.35
C ASP B 261 4.96 11.68 -19.93
N HIS B 262 3.90 10.98 -20.36
CA HIS B 262 2.49 11.26 -20.08
C HIS B 262 2.14 11.20 -18.57
N ILE B 263 2.52 10.08 -17.90
CA ILE B 263 2.31 9.84 -16.46
C ILE B 263 3.11 10.86 -15.68
N MET B 264 4.39 11.08 -16.07
CA MET B 264 5.26 12.07 -15.43
C MET B 264 4.57 13.44 -15.40
N ARG B 265 3.93 13.86 -16.53
CA ARG B 265 3.18 15.12 -16.63
C ARG B 265 1.99 15.14 -15.65
N LEU B 266 1.14 14.10 -15.69
CA LEU B 266 -0.05 13.99 -14.85
C LEU B 266 0.25 13.89 -13.33
N GLN B 267 1.39 13.27 -12.96
CA GLN B 267 1.78 13.07 -11.56
C GLN B 267 2.85 14.06 -11.08
N ASN B 268 3.29 14.98 -11.96
CA ASN B 268 4.34 15.97 -11.68
C ASN B 268 5.60 15.27 -11.10
N ASP B 269 6.03 14.20 -11.78
CA ASP B 269 7.19 13.38 -11.41
C ASP B 269 8.40 13.78 -12.26
N LYS B 270 9.59 13.72 -11.66
CA LYS B 270 10.86 14.00 -12.31
C LYS B 270 11.36 12.71 -12.97
N PHE B 271 10.96 11.57 -12.40
CA PHE B 271 11.32 10.23 -12.85
C PHE B 271 10.14 9.30 -12.63
N MET B 272 10.07 8.26 -13.44
CA MET B 272 9.05 7.23 -13.35
C MET B 272 9.49 6.20 -12.27
N ASP B 273 8.60 5.87 -11.32
CA ASP B 273 8.89 4.86 -10.30
C ASP B 273 8.74 3.45 -10.92
N GLU B 274 9.88 2.78 -11.17
CA GLU B 274 9.86 1.46 -11.77
C GLU B 274 10.36 0.35 -10.84
N ALA B 275 10.33 0.60 -9.52
CA ALA B 275 10.73 -0.38 -8.50
C ALA B 275 9.97 -1.71 -8.69
N TYR B 276 8.65 -1.63 -8.95
CA TYR B 276 7.74 -2.78 -9.14
C TYR B 276 8.16 -3.65 -10.35
N ILE B 277 8.78 -3.04 -11.39
CA ILE B 277 9.26 -3.78 -12.56
C ILE B 277 10.48 -4.61 -12.19
N TRP B 278 11.46 -3.97 -11.54
CA TRP B 278 12.66 -4.66 -11.07
C TRP B 278 12.33 -5.68 -9.97
N ALA B 279 11.25 -5.44 -9.17
CA ALA B 279 10.79 -6.37 -8.13
C ALA B 279 10.21 -7.62 -8.78
N PHE B 280 9.47 -7.46 -9.88
CA PHE B 280 8.95 -8.59 -10.65
C PHE B 280 10.09 -9.45 -11.21
N LEU B 281 11.11 -8.80 -11.80
CA LEU B 281 12.27 -9.43 -12.41
C LEU B 281 13.06 -10.19 -11.37
N ALA B 282 13.21 -9.60 -10.15
CA ALA B 282 13.86 -10.20 -8.98
C ALA B 282 13.13 -11.50 -8.58
N SER B 283 11.77 -11.46 -8.45
CA SER B 283 10.98 -12.64 -8.08
C SER B 283 11.03 -13.74 -9.16
N LEU B 284 10.98 -13.35 -10.44
CA LEU B 284 11.07 -14.28 -11.56
C LEU B 284 12.45 -14.95 -11.59
N ALA B 285 13.51 -14.14 -11.41
CA ALA B 285 14.90 -14.64 -11.42
C ALA B 285 15.24 -15.52 -10.20
N ALA B 286 14.71 -15.17 -9.00
CA ALA B 286 14.95 -15.91 -7.75
C ALA B 286 14.36 -17.32 -7.74
N SER B 287 13.24 -17.51 -8.46
CA SER B 287 12.54 -18.79 -8.59
C SER B 287 13.07 -19.65 -9.73
N GLY B 288 13.88 -19.06 -10.60
CA GLY B 288 14.47 -19.76 -11.73
C GLY B 288 15.84 -20.35 -11.44
N LYS B 289 16.33 -21.15 -12.38
CA LYS B 289 17.66 -21.76 -12.30
C LYS B 289 18.57 -20.92 -13.20
N LEU B 290 19.89 -21.25 -13.30
CA LEU B 290 20.83 -20.49 -14.13
C LEU B 290 20.33 -20.28 -15.57
N ASN B 291 19.77 -21.33 -16.18
CA ASN B 291 19.23 -21.29 -17.55
C ASN B 291 18.12 -20.22 -17.70
N HIS B 292 17.23 -20.07 -16.68
CA HIS B 292 16.19 -19.04 -16.71
C HIS B 292 16.83 -17.67 -16.57
N GLN B 293 17.79 -17.54 -15.65
CA GLN B 293 18.52 -16.31 -15.35
C GLN B 293 19.30 -15.75 -16.56
N ARG B 294 19.99 -16.63 -17.33
CA ARG B 294 20.73 -16.26 -18.55
C ARG B 294 19.78 -15.63 -19.58
N ILE B 295 18.58 -16.22 -19.78
CA ILE B 295 17.57 -15.70 -20.74
C ILE B 295 17.00 -14.33 -20.27
N ILE B 296 16.65 -14.20 -18.97
CA ILE B 296 16.09 -12.98 -18.39
C ILE B 296 17.05 -11.80 -18.56
N ILE B 297 18.31 -12.00 -18.11
CA ILE B 297 19.36 -10.97 -18.14
C ILE B 297 19.69 -10.54 -19.58
N ASP B 298 19.62 -11.48 -20.56
CA ASP B 298 19.85 -11.18 -21.97
C ASP B 298 18.71 -10.27 -22.48
N GLU B 299 17.46 -10.63 -22.13
CA GLU B 299 16.26 -9.91 -22.55
C GLU B 299 16.13 -8.49 -21.99
N VAL B 300 16.63 -8.25 -20.76
CA VAL B 300 16.52 -6.93 -20.14
C VAL B 300 17.85 -6.15 -20.15
N ARG B 301 18.87 -6.66 -20.87
CA ARG B 301 20.22 -6.09 -20.95
C ARG B 301 20.20 -4.57 -21.26
N ASP B 302 19.46 -4.15 -22.30
CA ASP B 302 19.36 -2.73 -22.70
C ASP B 302 18.75 -1.88 -21.59
N GLU B 303 17.75 -2.43 -20.87
CA GLU B 303 17.10 -1.78 -19.76
C GLU B 303 18.04 -1.63 -18.55
N ILE B 304 18.92 -2.62 -18.32
CA ILE B 304 19.94 -2.58 -17.26
C ILE B 304 20.89 -1.40 -17.54
N PHE B 305 21.36 -1.30 -18.79
CA PHE B 305 22.27 -0.24 -19.21
C PHE B 305 21.62 1.14 -19.20
N ALA B 306 20.34 1.24 -19.63
CA ALA B 306 19.59 2.50 -19.63
C ALA B 306 19.49 3.08 -18.19
N THR B 307 19.23 2.22 -17.17
CA THR B 307 19.13 2.62 -15.75
C THR B 307 20.47 3.16 -15.21
N ILE B 308 21.56 2.43 -15.49
CA ILE B 308 22.94 2.78 -15.11
C ILE B 308 23.35 4.14 -15.73
N ASN B 309 22.98 4.37 -17.01
CA ASN B 309 23.24 5.60 -17.74
C ASN B 309 22.54 6.81 -17.09
N GLU B 310 21.29 6.61 -16.61
CA GLU B 310 20.52 7.66 -15.92
C GLU B 310 21.12 8.00 -14.55
N ALA B 311 21.54 6.96 -13.79
CA ALA B 311 22.14 7.07 -12.47
C ALA B 311 23.51 7.78 -12.56
N GLU B 312 24.29 7.47 -13.62
CA GLU B 312 25.59 8.07 -13.87
C GLU B 312 25.46 9.55 -14.24
N THR B 313 24.39 9.92 -14.98
CA THR B 313 24.02 11.29 -15.35
C THR B 313 23.67 12.11 -14.09
N LEU B 314 22.88 11.49 -13.17
CA LEU B 314 22.47 12.07 -11.90
C LEU B 314 23.67 12.28 -10.98
N GLN B 315 24.63 11.32 -10.99
CA GLN B 315 25.88 11.36 -10.22
C GLN B 315 26.73 12.57 -10.64
N LYS B 316 26.80 12.84 -11.95
CA LYS B 316 27.56 13.95 -12.50
C LYS B 316 26.88 15.28 -12.15
N LYS B 317 25.52 15.32 -12.18
CA LYS B 317 24.72 16.49 -11.84
C LYS B 317 24.89 16.86 -10.34
N GLU B 318 24.97 15.83 -9.47
CA GLU B 318 25.19 15.92 -8.02
C GLU B 318 26.57 16.56 -7.75
N LYS B 319 27.62 16.07 -8.45
CA LYS B 319 29.01 16.54 -8.41
C LYS B 319 29.09 18.05 -8.71
N GLU B 320 28.41 18.50 -9.80
CA GLU B 320 28.33 19.91 -10.23
C GLU B 320 27.70 20.81 -9.16
N LEU B 321 26.62 20.32 -8.49
CA LEU B 321 25.93 21.06 -7.45
C LEU B 321 26.64 21.06 -6.10
N SER B 322 27.28 19.93 -5.73
CA SER B 322 27.99 19.74 -4.45
C SER B 322 29.20 20.67 -4.26
N VAL B 323 29.91 21.00 -5.35
CA VAL B 323 31.11 21.84 -5.33
C VAL B 323 30.80 23.35 -5.10
N LEU B 324 29.53 23.76 -5.28
CA LEU B 324 29.10 25.14 -5.11
C LEU B 324 29.21 25.63 -3.65
N PRO B 325 29.82 26.83 -3.43
CA PRO B 325 30.07 27.29 -2.05
C PRO B 325 28.83 27.65 -1.21
N GLN B 326 27.95 28.53 -1.71
CA GLN B 326 26.77 28.95 -0.97
C GLN B 326 25.48 28.71 -1.76
N ARG B 327 24.97 27.48 -1.66
CA ARG B 327 23.75 27.06 -2.34
C ARG B 327 22.53 27.70 -1.68
N SER B 328 21.59 28.17 -2.52
CA SER B 328 20.30 28.73 -2.07
C SER B 328 19.44 27.55 -1.56
N GLN B 329 18.32 27.85 -0.89
CA GLN B 329 17.40 26.84 -0.37
C GLN B 329 16.85 25.98 -1.52
N GLU B 330 16.57 26.61 -2.67
CA GLU B 330 16.06 25.97 -3.88
C GLU B 330 17.09 24.99 -4.47
N LEU B 331 18.37 25.41 -4.55
CA LEU B 331 19.48 24.62 -5.09
C LEU B 331 19.79 23.40 -4.21
N ASP B 332 19.72 23.58 -2.88
CA ASP B 332 19.92 22.55 -1.86
C ASP B 332 18.81 21.49 -1.97
N THR B 333 17.58 21.93 -2.30
CA THR B 333 16.41 21.08 -2.50
C THR B 333 16.61 20.27 -3.80
N GLU B 334 17.17 20.90 -4.86
CA GLU B 334 17.43 20.26 -6.16
C GLU B 334 18.51 19.18 -5.99
N LEU B 335 19.59 19.48 -5.24
CA LEU B 335 20.68 18.54 -4.95
C LEU B 335 20.17 17.31 -4.17
N LYS B 336 19.30 17.54 -3.16
CA LYS B 336 18.67 16.47 -2.36
C LYS B 336 17.78 15.58 -3.23
N SER B 337 17.07 16.20 -4.19
CA SER B 337 16.21 15.51 -5.17
C SER B 337 17.06 14.63 -6.11
N ILE B 338 18.19 15.17 -6.60
CA ILE B 338 19.12 14.46 -7.50
C ILE B 338 19.73 13.25 -6.78
N ILE B 339 20.16 13.42 -5.51
CA ILE B 339 20.72 12.32 -4.69
C ILE B 339 19.65 11.22 -4.50
N TYR B 340 18.41 11.62 -4.14
CA TYR B 340 17.29 10.69 -3.91
C TYR B 340 17.04 9.83 -5.14
N ASN B 341 16.84 10.47 -6.32
CA ASN B 341 16.57 9.79 -7.58
C ASN B 341 17.73 8.89 -8.01
N LYS B 342 18.99 9.29 -7.73
CA LYS B 342 20.18 8.49 -8.03
C LYS B 342 20.22 7.22 -7.16
N GLU B 343 20.07 7.38 -5.82
CA GLU B 343 20.07 6.27 -4.86
C GLU B 343 18.92 5.29 -5.14
N LYS B 344 17.75 5.81 -5.55
CA LYS B 344 16.57 4.99 -5.89
C LYS B 344 16.86 4.05 -7.08
N LEU B 345 17.51 4.56 -8.15
CA LEU B 345 17.85 3.77 -9.35
C LEU B 345 18.80 2.63 -8.98
N TYR B 346 19.83 2.94 -8.16
CA TYR B 346 20.81 1.99 -7.64
C TYR B 346 20.12 0.90 -6.82
N GLN B 347 19.21 1.28 -5.90
CA GLN B 347 18.48 0.35 -5.03
C GLN B 347 17.56 -0.59 -5.77
N ASP B 348 16.74 -0.04 -6.67
CA ASP B 348 15.75 -0.81 -7.41
C ASP B 348 16.40 -1.80 -8.37
N LEU B 349 17.50 -1.41 -9.03
CA LEU B 349 18.23 -2.32 -9.91
C LEU B 349 18.90 -3.46 -9.10
N ASN B 350 19.48 -3.12 -7.93
CA ASN B 350 20.16 -4.08 -7.07
C ASN B 350 19.21 -5.12 -6.48
N LEU B 351 17.90 -4.82 -6.30
CA LEU B 351 16.95 -5.84 -5.86
C LEU B 351 16.98 -7.03 -6.85
N PHE B 352 16.98 -6.73 -8.15
CA PHE B 352 17.04 -7.73 -9.20
C PHE B 352 18.45 -8.36 -9.31
N LEU B 353 19.50 -7.54 -9.49
CA LEU B 353 20.88 -8.02 -9.65
C LEU B 353 21.33 -8.95 -8.50
N ASN B 354 21.09 -8.56 -7.21
CA ASN B 354 21.52 -9.32 -6.02
C ASN B 354 21.06 -10.77 -6.00
N VAL B 355 19.85 -11.02 -6.53
CA VAL B 355 19.24 -12.34 -6.63
C VAL B 355 20.11 -13.32 -7.47
N MET B 356 20.84 -12.76 -8.44
CA MET B 356 21.72 -13.49 -9.34
C MET B 356 23.21 -13.42 -8.90
N GLY B 357 23.45 -12.93 -7.68
CA GLY B 357 24.79 -12.80 -7.12
C GLY B 357 25.61 -11.70 -7.77
N LEU B 358 24.92 -10.65 -8.28
CA LEU B 358 25.54 -9.49 -8.92
C LEU B 358 25.20 -8.21 -8.15
N VAL B 359 25.98 -7.14 -8.37
CA VAL B 359 25.77 -5.86 -7.69
C VAL B 359 26.23 -4.67 -8.55
N TYR B 360 25.49 -3.58 -8.50
CA TYR B 360 25.83 -2.33 -9.14
C TYR B 360 26.31 -1.37 -8.05
N ARG B 361 27.62 -1.10 -8.04
CA ARG B 361 28.28 -0.17 -7.10
C ARG B 361 29.56 0.39 -7.71
N ASP B 362 29.92 1.64 -7.33
CA ASP B 362 31.11 2.38 -7.81
C ASP B 362 31.14 2.47 -9.36
N GLY B 363 29.96 2.69 -9.95
CA GLY B 363 29.74 2.82 -11.40
C GLY B 363 30.04 1.59 -12.22
N GLU B 364 29.88 0.38 -11.64
CA GLU B 364 30.17 -0.88 -12.31
C GLU B 364 29.35 -2.07 -11.79
N ILE B 365 29.04 -3.03 -12.70
CA ILE B 365 28.37 -4.28 -12.33
C ILE B 365 29.47 -5.28 -12.03
N SER B 366 29.44 -5.86 -10.83
CA SER B 366 30.41 -6.85 -10.38
C SER B 366 29.69 -7.99 -9.66
N GLU B 367 30.43 -9.06 -9.35
CA GLU B 367 29.89 -10.21 -8.63
C GLU B 367 29.86 -9.89 -7.14
N LEU B 368 28.83 -10.36 -6.44
CA LEU B 368 28.69 -10.20 -4.98
C LEU B 368 29.71 -11.10 -4.26
N LYS B 369 29.92 -10.82 -2.95
CA LYS B 369 30.81 -11.53 -2.02
C LYS B 369 32.28 -11.29 -2.30
N THR C 1 30.56 -16.13 -8.06
CA THR C 1 30.94 -17.53 -8.30
C THR C 1 30.84 -17.89 -9.81
N SER C 2 30.83 -19.19 -10.15
CA SER C 2 30.75 -19.71 -11.52
C SER C 2 29.49 -19.21 -12.27
N GLY C 3 28.34 -19.25 -11.59
CA GLY C 3 27.06 -18.78 -12.12
C GLY C 3 27.04 -17.29 -12.36
N SER C 4 27.54 -16.50 -11.37
CA SER C 4 27.62 -15.03 -11.41
C SER C 4 28.55 -14.55 -12.54
N ASN C 5 29.71 -15.21 -12.72
CA ASN C 5 30.67 -14.89 -13.78
C ASN C 5 30.06 -15.09 -15.18
N GLU C 6 29.23 -16.14 -15.33
CA GLU C 6 28.52 -16.49 -16.57
C GLU C 6 27.48 -15.41 -16.90
N LEU C 7 26.71 -14.97 -15.88
CA LEU C 7 25.70 -13.93 -16.05
C LEU C 7 26.35 -12.58 -16.35
N LEU C 8 27.45 -12.27 -15.63
CA LEU C 8 28.20 -11.02 -15.82
C LEU C 8 28.78 -10.92 -17.25
N SER C 9 29.25 -12.06 -17.82
CA SER C 9 29.78 -12.10 -19.19
C SER C 9 28.68 -11.85 -20.25
N ILE C 10 27.43 -12.26 -19.97
CA ILE C 10 26.25 -12.05 -20.84
C ILE C 10 25.92 -10.55 -20.93
N LEU C 11 26.12 -9.81 -19.82
CA LEU C 11 25.91 -8.37 -19.75
C LEU C 11 26.92 -7.64 -20.64
N HIS C 12 28.21 -8.03 -20.55
CA HIS C 12 29.30 -7.44 -21.33
C HIS C 12 29.50 -8.12 -22.70
N ARG C 13 28.46 -8.78 -23.23
CA ARG C 13 28.49 -9.47 -24.52
C ARG C 13 27.97 -8.59 -25.66
N SER D 2 -33.15 6.50 17.36
CA SER D 2 -33.13 7.43 18.50
C SER D 2 -31.73 7.99 18.76
N GLY D 3 -30.71 7.17 18.55
CA GLY D 3 -29.31 7.57 18.68
C GLY D 3 -28.97 8.55 17.58
N SER D 4 -29.44 8.23 16.34
CA SER D 4 -29.29 9.03 15.11
C SER D 4 -29.99 10.39 15.24
N ASN D 5 -31.19 10.41 15.87
CA ASN D 5 -31.97 11.63 16.12
C ASN D 5 -31.20 12.60 17.02
N GLU D 6 -30.56 12.07 18.08
CA GLU D 6 -29.73 12.84 19.01
C GLU D 6 -28.50 13.48 18.30
N LEU D 7 -27.81 12.69 17.46
CA LEU D 7 -26.63 13.16 16.71
C LEU D 7 -27.00 14.19 15.66
N LEU D 8 -28.18 14.04 15.03
CA LEU D 8 -28.72 14.96 14.04
C LEU D 8 -28.98 16.32 14.71
N SER D 9 -29.43 16.32 15.98
CA SER D 9 -29.66 17.51 16.79
C SER D 9 -28.34 18.25 17.07
N ILE D 10 -27.22 17.50 17.22
CA ILE D 10 -25.87 18.08 17.42
C ILE D 10 -25.45 18.86 16.15
N LEU D 11 -25.84 18.35 14.95
CA LEU D 11 -25.56 18.97 13.66
C LEU D 11 -26.32 20.28 13.48
N HIS D 12 -27.46 20.42 14.19
CA HIS D 12 -28.32 21.60 14.16
C HIS D 12 -27.86 22.74 15.09
N ARG D 13 -26.75 22.55 15.82
CA ARG D 13 -26.16 23.57 16.70
C ARG D 13 -25.60 24.74 15.87
N LYS D 14 -25.86 25.99 16.32
CA LYS D 14 -25.42 27.22 15.65
C LYS D 14 -24.22 27.86 16.37
#